data_3WMT
#
_entry.id   3WMT
#
_cell.length_a   93.954
_cell.length_b   142.937
_cell.length_c   73.810
_cell.angle_alpha   90.00
_cell.angle_beta   90.00
_cell.angle_gamma   90.00
#
_symmetry.space_group_name_H-M   'P 21 21 2'
#
loop_
_entity.id
_entity.type
_entity.pdbx_description
1 polymer 'Probable feruloyl esterase B-1'
2 non-polymer 2-acetamido-2-deoxy-beta-D-glucopyranose
3 non-polymer 'CALCIUM ION'
4 water water
#
_entity_poly.entity_id   1
_entity_poly.type   'polypeptide(L)'
_entity_poly.pdbx_seq_one_letter_code
;AAIDSTSSSNGSDHHGSSFQAECESFKAKINVTNANVHSVTYVPAGVNISMADNPSICGGDEDPITSTFAFCRIALNVTT
SSKSQIFMEAWLPSNYSGRFLSTGNGGLGGCVKYDDMAYAAGYGFATVGTNNGHFGNNGVSFYQNTEVVEDFAYRALHTG
VVVGKELTKNFYPQGYNKSYYLGCSTGGRQGWKSVQTFPDDFDGVVAGAPAFNFINLTSWGARFLTLTGDSSAETFVTET
QWTAVHNEIIRQCDSLDGAKDGIIEDPDLCQPIIEALLCNATQSSTSGTCLTGAQVKTVNGVFSATYGLNGSFLYPRMQP
GSELAAYSSYYSGTPFAYAEDWYRYVVFNNTNWDVATWTVQDAAIANAQDPYQISTWNGDLSPFQKKGGKVLHYHGMEDA
IISSESSKVYYKHVADTMNLSPSELDSFYRFFPISGMAHCANADGPSAIGQGTGTFAGNNPQDNVLLAMVQWVEEGVAPD
FVRGAKLNGSTVEYRRKHCKYPKRNRYVGPGSYTDENAWECV
;
_entity_poly.pdbx_strand_id   A,B
#
loop_
_chem_comp.id
_chem_comp.type
_chem_comp.name
_chem_comp.formula
CA non-polymer 'CALCIUM ION' 'Ca 2'
NAG D-saccharide, beta linking 2-acetamido-2-deoxy-beta-D-glucopyranose 'C8 H15 N O6'
#
# COMPACT_ATOMS: atom_id res chain seq x y z
N SER A 18 1.27 -59.57 -17.59
CA SER A 18 2.02 -58.82 -16.56
C SER A 18 2.03 -57.36 -17.03
N PHE A 19 2.07 -56.51 -16.04
CA PHE A 19 2.29 -55.09 -16.34
C PHE A 19 3.52 -54.90 -17.25
N GLN A 20 4.68 -55.41 -16.85
CA GLN A 20 5.89 -55.24 -17.66
C GLN A 20 5.72 -55.69 -19.10
N ALA A 21 5.09 -56.84 -19.35
CA ALA A 21 4.74 -57.22 -20.69
C ALA A 21 3.81 -56.28 -21.44
N GLU A 22 2.81 -55.76 -20.75
CA GLU A 22 1.91 -54.79 -21.33
C GLU A 22 2.75 -53.51 -21.71
N CYS A 23 3.67 -53.14 -20.89
CA CYS A 23 4.49 -51.95 -21.19
C CYS A 23 5.33 -52.20 -22.46
N GLU A 24 5.91 -53.40 -22.46
CA GLU A 24 6.82 -53.85 -23.58
C GLU A 24 6.02 -54.03 -24.90
N SER A 25 4.72 -54.19 -24.88
CA SER A 25 3.96 -54.23 -26.10
C SER A 25 3.18 -52.97 -26.47
N PHE A 26 3.32 -51.90 -25.66
CA PHE A 26 2.51 -50.74 -25.88
C PHE A 26 2.92 -49.84 -27.04
N LYS A 27 4.21 -49.72 -27.29
CA LYS A 27 4.63 -48.72 -28.32
C LYS A 27 3.94 -48.95 -29.64
N ALA A 28 3.88 -50.22 -30.00
CA ALA A 28 3.23 -50.58 -31.28
C ALA A 28 1.75 -50.24 -31.37
N LYS A 29 1.10 -50.05 -30.22
CA LYS A 29 -0.34 -49.76 -30.13
C LYS A 29 -0.64 -48.28 -30.13
N ILE A 30 0.38 -47.45 -29.94
CA ILE A 30 0.10 -46.04 -29.84
C ILE A 30 -0.11 -45.45 -31.21
N ASN A 31 -1.15 -44.72 -31.37
CA ASN A 31 -1.43 -44.15 -32.70
C ASN A 31 -2.13 -42.80 -32.50
N VAL A 32 -1.34 -41.76 -32.14
CA VAL A 32 -1.78 -40.42 -31.72
C VAL A 32 -1.40 -39.34 -32.74
N THR A 33 -2.39 -38.55 -33.14
CA THR A 33 -2.16 -37.57 -34.23
C THR A 33 -1.05 -36.60 -33.84
N ASN A 34 -0.13 -36.39 -34.76
CA ASN A 34 0.95 -35.43 -34.64
C ASN A 34 2.02 -35.88 -33.66
N ALA A 35 1.96 -37.14 -33.20
CA ALA A 35 2.92 -37.67 -32.17
C ALA A 35 3.96 -38.53 -32.81
N ASN A 36 5.24 -38.33 -32.50
CA ASN A 36 6.33 -39.23 -32.81
C ASN A 36 6.86 -39.83 -31.47
N VAL A 37 6.59 -41.09 -31.27
CA VAL A 37 6.96 -41.82 -30.04
C VAL A 37 8.40 -42.21 -30.12
N HIS A 38 9.19 -41.78 -29.18
CA HIS A 38 10.60 -42.11 -29.19
C HIS A 38 10.90 -43.43 -28.50
N SER A 39 10.30 -43.65 -27.36
CA SER A 39 10.61 -44.85 -26.57
C SER A 39 9.52 -45.16 -25.58
N VAL A 40 9.33 -46.44 -25.26
CA VAL A 40 8.43 -46.94 -24.26
C VAL A 40 9.28 -47.86 -23.44
N THR A 41 9.43 -47.64 -22.16
CA THR A 41 10.35 -48.43 -21.36
C THR A 41 9.66 -48.74 -20.04
N TYR A 42 9.91 -49.94 -19.56
CA TYR A 42 9.50 -50.30 -18.23
C TYR A 42 10.57 -49.99 -17.21
N VAL A 43 10.20 -49.29 -16.11
CA VAL A 43 11.09 -48.83 -15.12
C VAL A 43 10.73 -49.42 -13.78
N PRO A 44 11.61 -50.28 -13.19
CA PRO A 44 11.16 -50.90 -11.94
C PRO A 44 11.35 -49.96 -10.79
N ALA A 45 10.86 -50.31 -9.59
CA ALA A 45 11.17 -49.59 -8.43
C ALA A 45 12.60 -49.80 -7.97
N GLY A 46 13.20 -48.76 -7.40
CA GLY A 46 14.48 -48.80 -6.79
C GLY A 46 15.64 -48.51 -7.67
N VAL A 47 15.40 -47.93 -8.85
CA VAL A 47 16.48 -47.60 -9.77
C VAL A 47 16.55 -46.09 -10.04
N ASN A 48 17.72 -45.57 -10.35
CA ASN A 48 17.86 -44.15 -10.77
C ASN A 48 17.14 -44.03 -12.09
N ILE A 49 16.27 -43.00 -12.17
CA ILE A 49 15.47 -42.86 -13.38
C ILE A 49 16.39 -42.19 -14.42
N SER A 50 16.54 -42.80 -15.57
CA SER A 50 17.52 -42.34 -16.57
C SER A 50 17.08 -41.03 -17.16
N MET A 51 18.07 -40.26 -17.65
CA MET A 51 17.84 -38.95 -18.15
C MET A 51 18.39 -38.66 -19.52
N ALA A 52 18.36 -39.66 -20.39
CA ALA A 52 18.91 -39.48 -21.72
C ALA A 52 18.26 -38.33 -22.46
N ASP A 53 16.97 -38.10 -22.26
CA ASP A 53 16.21 -37.10 -22.98
C ASP A 53 16.16 -35.75 -22.22
N ASN A 54 16.92 -35.63 -21.15
CA ASN A 54 17.01 -34.36 -20.42
C ASN A 54 18.26 -33.66 -20.87
N PRO A 55 18.18 -32.58 -21.63
CA PRO A 55 19.37 -31.97 -22.21
C PRO A 55 20.22 -31.30 -21.14
N SER A 56 21.51 -31.10 -21.46
CA SER A 56 22.42 -30.47 -20.51
C SER A 56 21.86 -29.17 -19.92
N ILE A 57 21.20 -28.38 -20.77
CA ILE A 57 20.62 -27.10 -20.39
C ILE A 57 19.57 -27.20 -19.31
N CYS A 58 19.00 -28.40 -19.12
CA CYS A 58 18.12 -28.68 -18.04
C CYS A 58 18.65 -29.56 -16.91
N GLY A 59 19.98 -29.75 -16.92
CA GLY A 59 20.75 -30.49 -15.87
C GLY A 59 21.21 -31.88 -16.31
N GLY A 60 20.90 -32.29 -17.56
CA GLY A 60 21.18 -33.71 -18.02
C GLY A 60 20.91 -34.80 -17.04
N ASP A 61 21.95 -35.66 -16.77
CA ASP A 61 21.89 -36.73 -15.79
C ASP A 61 22.63 -36.33 -14.45
N PRO A 64 20.29 -37.39 -10.19
CA PRO A 64 19.36 -38.50 -10.44
C PRO A 64 18.28 -38.72 -9.35
N ILE A 65 17.08 -39.11 -9.76
CA ILE A 65 16.00 -39.49 -8.84
C ILE A 65 15.83 -41.00 -8.81
N THR A 66 15.85 -41.58 -7.61
CA THR A 66 15.66 -42.99 -7.47
C THR A 66 14.16 -43.29 -7.35
N SER A 67 13.64 -44.07 -8.25
CA SER A 67 12.28 -44.49 -8.20
C SER A 67 11.99 -45.29 -6.93
N THR A 68 10.79 -45.09 -6.43
CA THR A 68 10.25 -45.90 -5.34
C THR A 68 8.95 -46.60 -5.79
N PHE A 69 8.80 -46.75 -7.12
CA PHE A 69 7.64 -47.33 -7.69
C PHE A 69 8.00 -47.76 -9.14
N ALA A 70 7.27 -48.70 -9.68
CA ALA A 70 7.43 -49.17 -11.00
C ALA A 70 6.48 -48.41 -11.95
N PHE A 71 6.93 -48.25 -13.19
CA PHE A 71 6.06 -47.58 -14.16
C PHE A 71 6.43 -47.92 -15.60
N CYS A 72 5.52 -47.58 -16.50
CA CYS A 72 5.72 -47.60 -17.91
C CYS A 72 5.98 -46.15 -18.36
N ARG A 73 7.09 -45.94 -19.04
CA ARG A 73 7.59 -44.61 -19.36
C ARG A 73 7.48 -44.41 -20.82
N ILE A 74 6.68 -43.43 -21.28
CA ILE A 74 6.57 -43.11 -22.69
C ILE A 74 7.13 -41.74 -22.97
N ALA A 75 8.08 -41.61 -23.89
CA ALA A 75 8.70 -40.35 -24.28
C ALA A 75 8.34 -40.10 -25.72
N LEU A 76 7.87 -38.91 -26.05
CA LEU A 76 7.41 -38.61 -27.38
C LEU A 76 7.50 -37.14 -27.66
N ASN A 77 7.54 -36.80 -28.96
CA ASN A 77 7.34 -35.39 -29.43
C ASN A 77 5.99 -35.28 -30.00
N VAL A 78 5.37 -34.10 -29.92
CA VAL A 78 4.10 -33.81 -30.48
C VAL A 78 4.21 -32.51 -31.20
N THR A 79 3.95 -32.48 -32.50
CA THR A 79 4.03 -31.27 -33.31
C THR A 79 2.83 -30.42 -33.03
N THR A 80 3.10 -29.07 -32.85
CA THR A 80 2.05 -28.12 -32.57
C THR A 80 1.78 -27.06 -33.69
N SER A 81 2.64 -27.04 -34.65
CA SER A 81 2.48 -26.19 -35.87
C SER A 81 3.51 -26.61 -36.82
N SER A 82 3.60 -25.93 -38.00
CA SER A 82 4.71 -26.15 -38.83
C SER A 82 6.10 -25.86 -38.36
N LYS A 83 6.23 -25.15 -37.18
CA LYS A 83 7.46 -24.69 -36.71
C LYS A 83 7.55 -24.69 -35.17
N SER A 84 6.72 -25.53 -34.58
CA SER A 84 6.74 -25.73 -33.12
C SER A 84 6.40 -27.17 -32.80
N GLN A 85 6.83 -27.59 -31.61
CA GLN A 85 6.60 -28.94 -31.11
C GLN A 85 6.98 -29.00 -29.67
N ILE A 86 6.44 -30.03 -28.99
CA ILE A 86 6.83 -30.29 -27.65
C ILE A 86 7.53 -31.65 -27.53
N PHE A 87 8.31 -31.77 -26.46
CA PHE A 87 8.76 -33.07 -25.96
C PHE A 87 7.94 -33.32 -24.71
N MET A 88 7.47 -34.56 -24.50
CA MET A 88 6.72 -34.89 -23.30
C MET A 88 6.97 -36.32 -22.89
N GLU A 89 6.67 -36.52 -21.61
CA GLU A 89 6.63 -37.88 -21.06
C GLU A 89 5.35 -38.17 -20.37
N ALA A 90 4.98 -39.43 -20.43
CA ALA A 90 3.89 -39.97 -19.63
C ALA A 90 4.41 -41.11 -18.86
N TRP A 91 4.18 -41.09 -17.56
CA TRP A 91 4.59 -42.16 -16.58
C TRP A 91 3.36 -42.76 -16.06
N LEU A 92 3.17 -44.05 -16.46
CA LEU A 92 1.93 -44.82 -16.19
C LEU A 92 2.28 -45.86 -15.10
N PRO A 93 1.97 -45.65 -13.87
CA PRO A 93 2.47 -46.55 -12.80
C PRO A 93 1.76 -47.90 -12.84
N SER A 94 2.50 -48.92 -12.34
CA SER A 94 1.83 -50.21 -12.18
C SER A 94 0.85 -50.13 -11.03
N ASN A 95 1.10 -49.35 -9.99
CA ASN A 95 0.19 -49.20 -8.86
C ASN A 95 -0.66 -48.02 -9.11
N TYR A 96 -1.58 -48.15 -9.98
CA TYR A 96 -2.35 -47.05 -10.58
C TYR A 96 -3.61 -46.82 -9.87
N SER A 97 -3.91 -45.50 -9.63
CA SER A 97 -5.02 -45.10 -8.81
C SER A 97 -6.28 -44.74 -9.62
N GLY A 98 -6.30 -44.80 -10.97
CA GLY A 98 -7.36 -44.31 -11.76
C GLY A 98 -7.41 -42.76 -12.03
N ARG A 99 -6.34 -42.12 -11.58
CA ARG A 99 -6.25 -40.62 -11.63
C ARG A 99 -5.20 -40.23 -12.63
N PHE A 100 -5.50 -39.18 -13.38
CA PHE A 100 -4.56 -38.57 -14.32
C PHE A 100 -4.01 -37.24 -13.69
N LEU A 101 -2.74 -36.97 -13.87
CA LEU A 101 -2.15 -35.73 -13.39
C LEU A 101 -1.21 -35.16 -14.42
N SER A 102 -1.28 -33.81 -14.61
CA SER A 102 -0.21 -33.09 -15.32
C SER A 102 0.61 -32.20 -14.35
N THR A 103 1.91 -32.24 -14.56
CA THR A 103 2.86 -31.30 -13.99
C THR A 103 2.98 -30.10 -14.97
N GLY A 104 3.79 -29.14 -14.55
CA GLY A 104 4.09 -27.95 -15.32
C GLY A 104 5.52 -27.61 -15.29
N ASN A 105 5.88 -26.33 -15.53
CA ASN A 105 7.22 -25.88 -15.79
C ASN A 105 7.63 -24.79 -14.84
N GLY A 106 8.80 -24.24 -15.10
CA GLY A 106 9.43 -23.19 -14.31
C GLY A 106 10.11 -22.14 -15.21
N GLY A 107 10.08 -20.92 -14.77
CA GLY A 107 10.78 -19.88 -15.48
C GLY A 107 10.23 -19.68 -16.84
N LEU A 108 11.19 -19.41 -17.72
CA LEU A 108 10.90 -19.40 -19.19
C LEU A 108 11.20 -20.77 -19.81
N GLY A 109 11.29 -21.81 -19.00
CA GLY A 109 11.58 -23.13 -19.46
C GLY A 109 10.35 -23.85 -19.97
N GLY A 110 10.53 -24.97 -20.70
CA GLY A 110 11.77 -25.48 -21.25
C GLY A 110 12.40 -26.71 -20.65
N CYS A 111 11.92 -27.10 -19.47
CA CYS A 111 12.44 -28.31 -18.81
C CYS A 111 11.31 -29.04 -18.14
N VAL A 112 11.29 -30.35 -18.30
CA VAL A 112 10.30 -31.23 -17.65
C VAL A 112 10.63 -31.25 -16.18
N LYS A 113 9.63 -31.13 -15.32
CA LYS A 113 9.88 -31.16 -13.88
C LYS A 113 9.76 -32.59 -13.39
N TYR A 114 10.81 -33.32 -13.65
CA TYR A 114 10.89 -34.76 -13.26
C TYR A 114 10.67 -34.98 -11.75
N ASP A 115 11.17 -34.07 -10.93
CA ASP A 115 10.90 -34.16 -9.50
C ASP A 115 9.41 -34.22 -9.19
N ASP A 116 8.62 -33.33 -9.81
CA ASP A 116 7.17 -33.37 -9.64
C ASP A 116 6.53 -34.59 -10.24
N MET A 117 7.02 -34.99 -11.43
CA MET A 117 6.52 -36.24 -11.96
C MET A 117 6.69 -37.48 -11.01
N ALA A 118 7.85 -37.55 -10.40
CA ALA A 118 8.10 -38.68 -9.46
C ALA A 118 7.24 -38.52 -8.24
N TYR A 119 7.09 -37.28 -7.73
CA TYR A 119 6.19 -37.03 -6.62
C TYR A 119 4.81 -37.58 -6.87
N ALA A 120 4.20 -37.22 -7.98
CA ALA A 120 2.86 -37.67 -8.34
C ALA A 120 2.79 -39.14 -8.67
N ALA A 121 3.75 -39.64 -9.48
CA ALA A 121 3.68 -41.05 -9.96
C ALA A 121 3.79 -41.99 -8.74
N GLY A 122 4.49 -41.52 -7.70
CA GLY A 122 4.53 -42.31 -6.47
C GLY A 122 3.27 -42.43 -5.71
N TYR A 123 2.28 -41.55 -5.97
CA TYR A 123 0.96 -41.71 -5.47
C TYR A 123 0.01 -42.46 -6.39
N GLY A 124 0.56 -42.94 -7.51
CA GLY A 124 -0.20 -43.71 -8.42
C GLY A 124 -0.93 -43.01 -9.55
N PHE A 125 -0.64 -41.70 -9.70
CA PHE A 125 -1.25 -40.96 -10.79
C PHE A 125 -0.55 -41.36 -12.10
N ALA A 126 -1.37 -41.49 -13.14
CA ALA A 126 -0.78 -41.49 -14.51
C ALA A 126 -0.40 -39.99 -14.76
N THR A 127 0.89 -39.83 -14.95
CA THR A 127 1.55 -38.50 -14.81
C THR A 127 2.15 -38.07 -16.11
N VAL A 128 1.95 -36.79 -16.48
CA VAL A 128 2.65 -36.19 -17.62
C VAL A 128 3.42 -34.91 -17.28
N GLY A 129 4.40 -34.65 -18.15
CA GLY A 129 5.13 -33.38 -18.15
C GLY A 129 5.55 -33.12 -19.59
N THR A 130 5.66 -31.85 -19.95
CA THR A 130 6.20 -31.45 -21.23
C THR A 130 7.32 -30.46 -21.01
N ASN A 131 8.15 -30.26 -22.04
CA ASN A 131 9.17 -29.19 -22.01
C ASN A 131 8.60 -27.77 -22.30
N ASN A 132 7.30 -27.65 -22.51
CA ASN A 132 6.68 -26.33 -22.69
C ASN A 132 6.94 -25.77 -24.10
N GLY A 133 7.39 -26.59 -25.00
CA GLY A 133 7.72 -26.20 -26.35
C GLY A 133 9.09 -25.82 -26.75
N HIS A 134 10.08 -25.93 -25.86
CA HIS A 134 11.45 -25.75 -26.22
C HIS A 134 12.27 -26.37 -25.14
N PHE A 135 13.58 -26.37 -25.27
CA PHE A 135 14.46 -26.83 -24.19
C PHE A 135 15.29 -25.66 -23.64
N GLY A 136 15.29 -25.56 -22.36
CA GLY A 136 16.07 -24.64 -21.57
C GLY A 136 15.18 -23.54 -20.95
N ASN A 137 15.69 -23.01 -19.85
CA ASN A 137 15.03 -21.92 -19.11
C ASN A 137 15.54 -20.60 -19.64
N ASN A 138 15.12 -20.25 -20.82
CA ASN A 138 15.43 -18.97 -21.41
C ASN A 138 14.52 -18.76 -22.55
N GLY A 139 14.46 -17.55 -23.00
CA GLY A 139 13.49 -17.17 -24.04
C GLY A 139 14.02 -17.13 -25.43
N VAL A 140 15.22 -17.66 -25.70
CA VAL A 140 15.77 -17.44 -27.01
C VAL A 140 15.00 -18.21 -28.06
N SER A 141 14.31 -19.34 -27.71
CA SER A 141 13.50 -20.06 -28.76
C SER A 141 12.27 -19.34 -29.17
N PHE A 142 12.02 -18.16 -28.47
CA PHE A 142 10.97 -17.24 -28.88
C PHE A 142 11.38 -16.42 -30.12
N TYR A 143 12.71 -16.31 -30.31
CA TYR A 143 13.25 -15.51 -31.46
C TYR A 143 12.58 -15.91 -32.76
N GLN A 144 11.91 -14.91 -33.35
CA GLN A 144 11.34 -15.10 -34.62
C GLN A 144 10.36 -16.23 -34.74
N ASN A 145 9.68 -16.59 -33.64
CA ASN A 145 8.80 -17.72 -33.66
C ASN A 145 7.61 -17.57 -32.74
N THR A 146 6.51 -17.01 -33.25
CA THR A 146 5.30 -16.83 -32.46
C THR A 146 4.71 -18.17 -32.00
N GLU A 147 4.94 -19.24 -32.78
CA GLU A 147 4.31 -20.56 -32.48
C GLU A 147 4.99 -21.11 -31.22
N VAL A 148 6.27 -20.88 -31.04
CA VAL A 148 6.96 -21.32 -29.81
C VAL A 148 6.44 -20.51 -28.64
N VAL A 149 6.17 -19.21 -28.85
CA VAL A 149 5.54 -18.39 -27.80
C VAL A 149 4.18 -18.95 -27.48
N GLU A 150 3.35 -19.32 -28.45
CA GLU A 150 2.05 -19.87 -28.22
C GLU A 150 2.15 -21.16 -27.35
N ASP A 151 3.06 -22.04 -27.66
CA ASP A 151 3.31 -23.25 -26.88
C ASP A 151 3.51 -22.86 -25.44
N PHE A 152 4.37 -21.88 -25.20
CA PHE A 152 4.70 -21.47 -23.84
C PHE A 152 3.49 -20.88 -23.17
N ALA A 153 2.68 -20.07 -23.86
CA ALA A 153 1.57 -19.42 -23.23
C ALA A 153 0.45 -20.22 -22.76
N TYR A 154 0.17 -21.31 -23.48
CA TYR A 154 -0.92 -22.23 -23.14
C TYR A 154 -0.82 -23.57 -23.83
N ARG A 155 -0.31 -23.62 -25.05
CA ARG A 155 -0.68 -24.77 -25.90
C ARG A 155 0.16 -26.01 -25.53
N ALA A 156 1.39 -25.87 -25.12
CA ALA A 156 2.15 -27.06 -24.70
C ALA A 156 1.50 -27.78 -23.55
N LEU A 157 1.14 -27.06 -22.52
CA LEU A 157 0.57 -27.71 -21.35
C LEU A 157 -0.69 -28.43 -21.76
N HIS A 158 -1.60 -27.76 -22.47
CA HIS A 158 -2.87 -28.35 -22.90
C HIS A 158 -2.63 -29.56 -23.80
N THR A 159 -1.67 -29.50 -24.74
CA THR A 159 -1.40 -30.63 -25.59
C THR A 159 -0.97 -31.81 -24.79
N GLY A 160 -0.13 -31.59 -23.79
CA GLY A 160 0.27 -32.70 -22.93
C GLY A 160 -0.89 -33.34 -22.21
N VAL A 161 -1.87 -32.57 -21.82
CA VAL A 161 -3.06 -33.10 -21.19
C VAL A 161 -3.86 -33.96 -22.18
N VAL A 162 -4.05 -33.45 -23.38
CA VAL A 162 -4.92 -34.15 -24.33
C VAL A 162 -4.23 -35.45 -24.72
N VAL A 163 -2.96 -35.38 -25.09
CA VAL A 163 -2.22 -36.54 -25.48
C VAL A 163 -2.02 -37.50 -24.30
N GLY A 164 -1.74 -36.95 -23.09
CA GLY A 164 -1.64 -37.84 -21.93
C GLY A 164 -2.89 -38.58 -21.61
N LYS A 165 -4.02 -37.94 -21.70
CA LYS A 165 -5.27 -38.62 -21.41
C LYS A 165 -5.45 -39.77 -22.43
N GLU A 166 -5.19 -39.50 -23.71
CA GLU A 166 -5.29 -40.56 -24.72
C GLU A 166 -4.41 -41.74 -24.44
N LEU A 167 -3.19 -41.49 -24.07
CA LEU A 167 -2.27 -42.59 -23.75
C LEU A 167 -2.76 -43.40 -22.55
N THR A 168 -3.23 -42.68 -21.55
CA THR A 168 -3.71 -43.34 -20.30
C THR A 168 -4.96 -44.22 -20.64
N LYS A 169 -5.90 -43.71 -21.38
CA LYS A 169 -7.08 -44.43 -21.76
C LYS A 169 -6.65 -45.66 -22.60
N ASN A 170 -5.63 -45.52 -23.42
CA ASN A 170 -5.20 -46.62 -24.34
C ASN A 170 -4.54 -47.71 -23.48
N PHE A 171 -3.77 -47.37 -22.47
CA PHE A 171 -2.94 -48.31 -21.75
C PHE A 171 -3.72 -49.06 -20.71
N TYR A 172 -4.59 -48.41 -19.95
CA TYR A 172 -5.31 -49.04 -18.87
C TYR A 172 -6.71 -49.36 -19.28
N PRO A 173 -7.13 -50.64 -19.05
CA PRO A 173 -8.54 -50.94 -19.34
C PRO A 173 -9.58 -50.01 -18.72
N GLN A 174 -9.33 -49.57 -17.50
CA GLN A 174 -10.26 -48.73 -16.77
C GLN A 174 -10.16 -47.22 -17.16
N GLY A 175 -9.15 -46.87 -17.97
CA GLY A 175 -8.96 -45.46 -18.35
C GLY A 175 -8.57 -44.68 -17.12
N TYR A 176 -9.11 -43.47 -17.05
CA TYR A 176 -8.99 -42.60 -15.89
C TYR A 176 -10.31 -42.03 -15.49
N ASN A 177 -10.43 -41.58 -14.26
CA ASN A 177 -11.65 -41.01 -13.69
C ASN A 177 -11.40 -39.48 -13.55
N LYS A 178 -10.77 -39.03 -12.52
CA LYS A 178 -10.53 -37.59 -12.32
C LYS A 178 -9.13 -37.25 -12.80
N SER A 179 -9.00 -35.96 -13.13
CA SER A 179 -7.79 -35.35 -13.74
C SER A 179 -7.34 -34.18 -12.79
N TYR A 180 -6.04 -34.14 -12.56
CA TYR A 180 -5.44 -33.22 -11.61
C TYR A 180 -4.30 -32.49 -12.21
N TYR A 181 -3.99 -31.31 -11.61
CA TYR A 181 -2.82 -30.51 -11.96
C TYR A 181 -2.00 -30.12 -10.73
N LEU A 182 -0.69 -30.17 -10.81
CA LEU A 182 0.19 -29.72 -9.75
C LEU A 182 1.33 -28.87 -10.34
N GLY A 183 1.42 -27.59 -9.96
CA GLY A 183 2.50 -26.77 -10.42
C GLY A 183 2.62 -25.49 -9.66
N CYS A 184 3.78 -24.89 -9.78
CA CYS A 184 4.12 -23.69 -9.03
C CYS A 184 5.02 -22.79 -9.87
N SER A 185 4.89 -21.48 -9.63
CA SER A 185 5.65 -20.45 -10.38
C SER A 185 5.09 -20.28 -11.81
N THR A 186 5.92 -20.45 -12.84
CA THR A 186 5.34 -20.64 -14.16
C THR A 186 4.25 -21.69 -14.10
N GLY A 187 4.50 -22.76 -13.37
CA GLY A 187 3.52 -23.84 -13.22
C GLY A 187 2.25 -23.41 -12.53
N GLY A 188 2.31 -22.41 -11.66
CA GLY A 188 1.09 -21.87 -11.10
C GLY A 188 0.30 -21.08 -12.11
N ARG A 189 0.99 -20.33 -12.95
CA ARG A 189 0.31 -19.66 -14.08
C ARG A 189 -0.34 -20.69 -14.99
N GLN A 190 0.38 -21.78 -15.26
CA GLN A 190 -0.13 -22.78 -16.15
C GLN A 190 -1.38 -23.41 -15.60
N GLY A 191 -1.45 -23.67 -14.26
CA GLY A 191 -2.62 -24.17 -13.69
C GLY A 191 -3.79 -23.19 -13.78
N TRP A 192 -3.54 -21.91 -13.53
CA TRP A 192 -4.58 -20.92 -13.70
C TRP A 192 -5.05 -20.66 -15.14
N LYS A 193 -4.16 -20.80 -16.08
CA LYS A 193 -4.53 -20.76 -17.49
C LYS A 193 -5.47 -21.88 -17.81
N SER A 194 -5.20 -23.05 -17.24
CA SER A 194 -6.12 -24.14 -17.40
C SER A 194 -7.51 -23.85 -16.83
N VAL A 195 -7.54 -23.42 -15.60
CA VAL A 195 -8.82 -23.05 -15.00
C VAL A 195 -9.57 -22.03 -15.82
N GLN A 196 -8.88 -20.99 -16.24
CA GLN A 196 -9.52 -19.87 -16.94
C GLN A 196 -9.91 -20.16 -18.38
N THR A 197 -9.12 -20.98 -19.10
CA THR A 197 -9.26 -21.12 -20.55
C THR A 197 -9.56 -22.53 -20.99
N PHE A 198 -9.16 -23.56 -20.21
CA PHE A 198 -9.38 -25.03 -20.51
C PHE A 198 -10.04 -25.63 -19.30
N PRO A 199 -11.23 -25.18 -18.96
CA PRO A 199 -11.83 -25.73 -17.74
C PRO A 199 -12.07 -27.24 -17.70
N ASP A 200 -12.19 -27.86 -18.92
CA ASP A 200 -12.38 -29.30 -18.94
C ASP A 200 -11.11 -30.10 -18.85
N ASP A 201 -9.91 -29.48 -18.79
CA ASP A 201 -8.71 -30.24 -18.71
C ASP A 201 -8.56 -30.99 -17.33
N PHE A 202 -8.87 -30.27 -16.25
CA PHE A 202 -8.72 -30.76 -14.87
C PHE A 202 -9.97 -30.59 -14.06
N ASP A 203 -10.19 -31.62 -13.20
CA ASP A 203 -11.14 -31.58 -12.09
C ASP A 203 -10.56 -30.90 -10.82
N GLY A 204 -9.26 -31.00 -10.64
CA GLY A 204 -8.64 -30.43 -9.42
C GLY A 204 -7.30 -29.84 -9.76
N VAL A 205 -7.11 -28.59 -9.38
CA VAL A 205 -5.92 -27.86 -9.75
C VAL A 205 -5.23 -27.31 -8.51
N VAL A 206 -3.94 -27.65 -8.33
CA VAL A 206 -3.13 -27.14 -7.22
C VAL A 206 -2.10 -26.20 -7.83
N ALA A 207 -2.27 -24.90 -7.55
CA ALA A 207 -1.49 -23.86 -8.21
C ALA A 207 -0.74 -22.96 -7.23
N GLY A 208 0.58 -23.00 -7.22
CA GLY A 208 1.35 -22.23 -6.31
C GLY A 208 2.04 -21.03 -6.96
N ALA A 209 2.25 -20.01 -6.14
CA ALA A 209 2.99 -18.81 -6.42
C ALA A 209 2.94 -18.43 -7.91
N PRO A 210 1.74 -18.09 -8.40
CA PRO A 210 1.58 -18.12 -9.86
C PRO A 210 2.16 -16.94 -10.57
N ALA A 211 2.76 -17.23 -11.72
CA ALA A 211 3.29 -16.19 -12.62
C ALA A 211 2.19 -15.62 -13.48
N PHE A 212 0.98 -15.53 -12.98
CA PHE A 212 -0.09 -14.83 -13.68
C PHE A 212 0.13 -13.31 -13.54
N ASN A 213 -0.70 -12.55 -14.25
CA ASN A 213 -0.38 -11.14 -14.56
C ASN A 213 0.97 -11.13 -15.20
N PHE A 214 1.27 -12.09 -16.12
CA PHE A 214 2.63 -12.39 -16.55
C PHE A 214 3.41 -11.24 -17.18
N ILE A 215 2.71 -10.46 -18.00
CA ILE A 215 3.42 -9.37 -18.71
C ILE A 215 3.88 -8.34 -17.67
N ASN A 216 2.94 -7.99 -16.80
CA ASN A 216 3.33 -6.99 -15.79
C ASN A 216 4.29 -7.52 -14.72
N LEU A 217 4.25 -8.83 -14.44
CA LEU A 217 5.29 -9.47 -13.66
C LEU A 217 6.65 -9.35 -14.23
N THR A 218 6.73 -9.58 -15.56
CA THR A 218 7.99 -9.49 -16.24
C THR A 218 8.53 -8.04 -16.28
N SER A 219 7.61 -7.10 -16.49
CA SER A 219 7.96 -5.68 -16.45
C SER A 219 8.44 -5.26 -15.10
N TRP A 220 7.74 -5.69 -14.07
CA TRP A 220 8.19 -5.43 -12.71
C TRP A 220 9.55 -5.95 -12.45
N GLY A 221 9.92 -7.11 -12.98
CA GLY A 221 11.26 -7.60 -12.87
C GLY A 221 12.29 -6.69 -13.50
N ALA A 222 11.98 -6.20 -14.70
CA ALA A 222 12.83 -5.23 -15.41
C ALA A 222 12.96 -3.90 -14.65
N ARG A 223 11.92 -3.50 -13.93
CA ARG A 223 11.97 -2.26 -13.20
C ARG A 223 13.05 -2.26 -12.13
N PHE A 224 13.39 -3.35 -11.49
CA PHE A 224 14.33 -3.30 -10.35
C PHE A 224 15.66 -2.66 -10.73
N LEU A 225 16.23 -3.05 -11.83
CA LEU A 225 17.51 -2.42 -12.24
C LEU A 225 17.42 -0.92 -12.46
N THR A 226 16.28 -0.47 -12.92
CA THR A 226 16.04 0.94 -13.10
C THR A 226 16.05 1.69 -11.80
N LEU A 227 15.70 1.01 -10.72
CA LEU A 227 15.69 1.61 -9.35
C LEU A 227 17.05 1.56 -8.75
N THR A 228 17.71 0.42 -8.77
CA THR A 228 18.99 0.20 -8.13
C THR A 228 20.17 0.86 -8.85
N GLY A 229 20.07 0.90 -10.17
CA GLY A 229 21.28 1.11 -10.97
C GLY A 229 22.23 -0.10 -10.85
N ASP A 230 23.41 -0.01 -11.48
CA ASP A 230 24.46 -0.94 -11.26
C ASP A 230 25.22 -0.75 -9.93
N SER A 231 26.17 -1.64 -9.64
CA SER A 231 26.82 -1.70 -8.35
C SER A 231 27.59 -0.38 -8.07
N SER A 232 27.84 0.44 -9.10
CA SER A 232 28.55 1.73 -8.90
C SER A 232 27.62 2.95 -8.71
N ALA A 233 26.27 2.79 -8.89
CA ALA A 233 25.36 3.90 -8.85
C ALA A 233 25.08 4.37 -7.43
N GLU A 234 24.82 5.66 -7.30
CA GLU A 234 24.48 6.22 -5.97
C GLU A 234 23.21 5.67 -5.41
N THR A 235 22.36 5.15 -6.28
CA THR A 235 21.07 4.48 -5.89
C THR A 235 21.28 3.08 -5.42
N PHE A 236 22.46 2.51 -5.56
CA PHE A 236 22.65 1.08 -5.34
C PHE A 236 22.70 0.75 -3.88
N VAL A 237 22.05 -0.34 -3.46
CA VAL A 237 21.99 -0.77 -2.08
C VAL A 237 22.72 -2.11 -2.02
N THR A 238 23.78 -2.20 -1.25
CA THR A 238 24.61 -3.42 -1.23
C THR A 238 23.98 -4.54 -0.56
N GLU A 239 24.49 -5.75 -0.70
CA GLU A 239 23.97 -6.92 -0.02
C GLU A 239 23.93 -6.81 1.49
N THR A 240 25.00 -6.27 2.05
CA THR A 240 25.03 -6.04 3.47
C THR A 240 23.96 -5.01 3.87
N GLN A 241 23.77 -3.97 3.10
CA GLN A 241 22.70 -2.97 3.37
C GLN A 241 21.31 -3.64 3.31
N TRP A 242 21.14 -4.50 2.30
CA TRP A 242 19.87 -5.28 2.25
C TRP A 242 19.66 -6.21 3.44
N THR A 243 20.68 -6.73 4.04
CA THR A 243 20.55 -7.50 5.26
C THR A 243 20.16 -6.49 6.39
N ALA A 244 20.76 -5.30 6.50
CA ALA A 244 20.33 -4.35 7.46
C ALA A 244 18.87 -3.96 7.29
N VAL A 245 18.47 -3.80 6.07
CA VAL A 245 17.08 -3.53 5.75
C VAL A 245 16.20 -4.64 6.18
N HIS A 246 16.57 -5.88 5.90
CA HIS A 246 15.87 -7.03 6.34
C HIS A 246 15.71 -7.04 7.84
N ASN A 247 16.81 -6.89 8.57
CA ASN A 247 16.70 -6.94 10.02
C ASN A 247 15.81 -5.85 10.58
N GLU A 248 15.82 -4.66 9.99
CA GLU A 248 14.95 -3.59 10.40
C GLU A 248 13.48 -3.89 10.13
N ILE A 249 13.21 -4.51 8.98
CA ILE A 249 11.85 -4.94 8.60
C ILE A 249 11.40 -5.99 9.62
N ILE A 250 12.26 -6.93 10.01
CA ILE A 250 11.86 -7.93 11.05
C ILE A 250 11.58 -7.20 12.38
N ARG A 251 12.42 -6.25 12.71
CA ARG A 251 12.20 -5.47 13.93
C ARG A 251 10.84 -4.81 13.95
N GLN A 252 10.53 -4.08 12.87
CA GLN A 252 9.31 -3.38 12.77
C GLN A 252 8.05 -4.24 12.64
N CYS A 253 8.23 -5.37 11.99
CA CYS A 253 7.05 -6.15 11.54
C CYS A 253 6.85 -7.50 12.13
N ASP A 254 7.84 -8.18 12.68
CA ASP A 254 7.69 -9.54 13.23
C ASP A 254 6.48 -9.66 14.18
N SER A 255 6.41 -8.81 15.17
CA SER A 255 5.47 -8.95 16.23
C SER A 255 4.08 -8.55 15.84
N LEU A 256 3.83 -8.03 14.62
CA LEU A 256 2.49 -7.59 14.23
C LEU A 256 1.45 -8.69 14.24
N ASP A 257 1.90 -9.90 14.00
CA ASP A 257 1.07 -11.10 14.03
C ASP A 257 0.90 -11.66 15.45
N GLY A 258 1.55 -11.04 16.43
CA GLY A 258 1.49 -11.47 17.84
C GLY A 258 2.71 -12.22 18.26
N ALA A 259 3.37 -12.94 17.38
CA ALA A 259 4.46 -13.87 17.72
C ALA A 259 5.79 -13.25 17.34
N LYS A 260 6.70 -13.10 18.32
CA LYS A 260 8.07 -12.65 18.09
C LYS A 260 8.91 -13.89 17.78
N ASP A 261 8.76 -14.40 16.53
CA ASP A 261 9.32 -15.63 16.06
C ASP A 261 10.23 -15.47 14.85
N GLY A 262 10.56 -14.21 14.49
CA GLY A 262 11.33 -13.94 13.38
C GLY A 262 10.60 -13.99 11.99
N ILE A 263 9.29 -14.19 12.01
CA ILE A 263 8.49 -14.42 10.79
C ILE A 263 7.45 -13.36 10.73
N ILE A 264 7.23 -12.83 9.50
CA ILE A 264 6.19 -11.90 9.24
C ILE A 264 5.02 -12.71 8.67
N GLU A 265 4.04 -13.04 9.53
CA GLU A 265 2.99 -13.97 9.17
C GLU A 265 2.17 -13.48 7.96
N ASP A 266 1.81 -12.18 7.97
CA ASP A 266 1.03 -11.56 6.89
C ASP A 266 1.67 -10.23 6.60
N PRO A 267 2.48 -10.18 5.51
CA PRO A 267 3.18 -8.96 5.19
C PRO A 267 2.34 -7.79 4.84
N ASP A 268 1.07 -7.96 4.61
CA ASP A 268 0.19 -6.81 4.32
C ASP A 268 0.23 -5.79 5.49
N LEU A 269 0.40 -6.26 6.71
CA LEU A 269 0.45 -5.33 7.83
C LEU A 269 1.74 -4.59 7.97
N CYS A 270 2.75 -5.05 7.24
CA CYS A 270 4.12 -4.55 7.29
C CYS A 270 4.30 -3.46 6.25
N GLN A 271 4.42 -2.25 6.72
CA GLN A 271 4.53 -1.07 5.95
C GLN A 271 5.76 -0.37 6.45
N PRO A 272 6.95 -0.86 6.08
CA PRO A 272 8.15 -0.51 6.86
C PRO A 272 8.62 0.91 6.58
N ILE A 273 9.17 1.52 7.62
CA ILE A 273 9.68 2.90 7.56
C ILE A 273 11.21 2.74 7.45
N ILE A 274 11.68 2.74 6.23
CA ILE A 274 13.10 2.50 5.91
C ILE A 274 14.00 3.64 6.37
N GLU A 275 13.43 4.81 6.54
CA GLU A 275 14.13 5.99 7.04
C GLU A 275 14.80 5.75 8.37
N ALA A 276 14.31 4.79 9.13
CA ALA A 276 14.97 4.35 10.35
C ALA A 276 16.47 4.02 10.17
N LEU A 277 16.84 3.64 8.96
CA LEU A 277 18.22 3.24 8.67
C LEU A 277 18.99 4.33 8.02
N LEU A 278 18.50 5.55 7.93
CA LEU A 278 19.38 6.71 7.57
C LEU A 278 20.55 6.85 8.54
N CYS A 279 21.75 7.12 8.00
CA CYS A 279 22.92 7.21 8.87
C CYS A 279 22.77 8.39 9.79
N ASN A 280 23.25 8.18 11.00
CA ASN A 280 23.49 9.27 11.98
C ASN A 280 24.85 9.93 11.66
N ALA A 281 25.16 11.01 12.38
CA ALA A 281 26.26 11.87 11.97
C ALA A 281 27.60 11.18 12.15
N THR A 282 27.74 10.26 13.03
CA THR A 282 29.05 9.59 13.07
C THR A 282 29.18 8.39 12.16
N GLN A 283 28.11 8.03 11.46
CA GLN A 283 28.07 6.86 10.62
C GLN A 283 28.19 7.15 9.17
N SER A 284 28.77 6.21 8.43
CA SER A 284 28.91 6.30 7.00
C SER A 284 28.21 5.05 6.38
N SER A 285 27.52 5.29 5.26
CA SER A 285 26.85 4.22 4.51
C SER A 285 27.84 3.15 4.01
N THR A 286 29.13 3.53 3.89
CA THR A 286 30.19 2.58 3.53
C THR A 286 30.35 1.51 4.57
N SER A 287 29.85 1.69 5.79
CA SER A 287 29.77 0.67 6.81
C SER A 287 28.91 -0.53 6.46
N GLY A 288 27.95 -0.27 5.54
CA GLY A 288 26.90 -1.29 5.20
C GLY A 288 25.70 -1.39 6.19
N THR A 289 25.69 -0.59 7.18
CA THR A 289 24.79 -0.70 8.31
C THR A 289 23.71 0.41 8.19
N CYS A 290 23.92 1.46 7.40
CA CYS A 290 22.98 2.53 7.28
C CYS A 290 22.95 2.94 5.82
N LEU A 291 21.98 3.73 5.42
CA LEU A 291 21.68 4.07 4.07
C LEU A 291 21.68 5.58 3.88
N THR A 292 21.98 6.06 2.69
CA THR A 292 21.79 7.42 2.28
C THR A 292 20.35 7.66 1.93
N GLY A 293 19.91 8.92 1.83
CA GLY A 293 18.58 9.22 1.30
C GLY A 293 18.28 8.62 -0.04
N ALA A 294 19.20 8.67 -0.96
CA ALA A 294 19.01 8.11 -2.27
C ALA A 294 18.81 6.60 -2.16
N GLN A 295 19.56 5.92 -1.34
CA GLN A 295 19.47 4.47 -1.13
C GLN A 295 18.10 4.15 -0.46
N VAL A 296 17.67 4.96 0.49
CA VAL A 296 16.32 4.69 1.09
C VAL A 296 15.25 4.82 0.05
N LYS A 297 15.36 5.78 -0.83
CA LYS A 297 14.42 5.99 -1.94
C LYS A 297 14.41 4.75 -2.82
N THR A 298 15.55 4.15 -3.11
CA THR A 298 15.61 2.90 -3.86
C THR A 298 14.76 1.82 -3.19
N VAL A 299 15.00 1.61 -1.90
CA VAL A 299 14.29 0.60 -1.12
C VAL A 299 12.79 0.90 -1.09
N ASN A 300 12.44 2.18 -0.96
CA ASN A 300 11.00 2.54 -0.93
C ASN A 300 10.38 2.19 -2.28
N GLY A 301 11.11 2.36 -3.38
CA GLY A 301 10.60 1.98 -4.64
C GLY A 301 10.37 0.49 -4.80
N VAL A 302 11.27 -0.33 -4.23
CA VAL A 302 11.08 -1.77 -4.16
C VAL A 302 9.80 -2.10 -3.44
N PHE A 303 9.47 -1.39 -2.35
CA PHE A 303 8.27 -1.57 -1.61
C PHE A 303 7.10 -0.70 -2.00
N SER A 304 7.05 -0.29 -3.26
CA SER A 304 5.99 0.44 -3.88
C SER A 304 5.37 -0.37 -5.00
N ALA A 305 4.08 -0.25 -5.21
CA ALA A 305 3.39 -0.70 -6.39
C ALA A 305 3.90 0.03 -7.64
N THR A 306 3.86 -0.67 -8.72
CA THR A 306 4.24 -0.10 -10.04
C THR A 306 2.98 0.26 -10.78
N TYR A 307 2.88 1.49 -11.28
CA TYR A 307 1.78 1.99 -12.06
C TYR A 307 2.31 2.46 -13.41
N GLY A 308 1.38 2.49 -14.32
CA GLY A 308 1.77 2.79 -15.71
C GLY A 308 1.22 4.05 -16.29
N LEU A 309 1.18 4.04 -17.63
CA LEU A 309 0.46 5.22 -18.28
C LEU A 309 -1.00 5.31 -17.90
N ASN A 310 -1.58 6.52 -17.87
CA ASN A 310 -2.96 6.75 -17.51
C ASN A 310 -3.20 6.44 -16.03
N GLY A 311 -2.05 6.23 -15.32
CA GLY A 311 -2.04 5.94 -13.85
C GLY A 311 -2.62 4.58 -13.47
N SER A 312 -2.54 3.61 -14.34
CA SER A 312 -3.17 2.33 -14.13
C SER A 312 -2.21 1.37 -13.34
N PHE A 313 -2.82 0.66 -12.42
CA PHE A 313 -2.05 -0.36 -11.68
C PHE A 313 -1.43 -1.38 -12.63
N LEU A 314 -0.14 -1.67 -12.42
CA LEU A 314 0.62 -2.63 -13.22
C LEU A 314 0.96 -3.89 -12.36
N TYR A 315 1.56 -3.68 -11.20
CA TYR A 315 2.02 -4.82 -10.38
C TYR A 315 2.15 -4.30 -8.97
N PRO A 316 1.87 -5.19 -7.97
CA PRO A 316 2.06 -4.75 -6.60
C PRO A 316 3.50 -4.61 -6.18
N ARG A 317 3.73 -4.04 -5.00
CA ARG A 317 5.01 -3.98 -4.41
C ARG A 317 5.61 -5.38 -4.22
N MET A 318 6.93 -5.49 -4.09
CA MET A 318 7.55 -6.66 -3.39
C MET A 318 7.09 -6.68 -1.93
N GLN A 319 6.59 -7.81 -1.47
CA GLN A 319 6.19 -7.89 -0.01
C GLN A 319 7.45 -7.87 0.82
N PRO A 320 7.42 -7.07 1.93
CA PRO A 320 8.59 -7.06 2.79
C PRO A 320 8.76 -8.43 3.41
N GLY A 321 10.07 -8.73 3.59
CA GLY A 321 10.50 -9.99 4.20
C GLY A 321 11.31 -10.89 3.33
N SER A 322 11.33 -10.65 2.00
CA SER A 322 11.98 -11.52 1.07
C SER A 322 13.37 -11.05 0.70
N GLU A 323 13.96 -10.19 1.50
CA GLU A 323 15.15 -9.47 1.10
C GLU A 323 16.36 -10.32 0.84
N LEU A 324 16.53 -11.34 1.70
CA LEU A 324 17.82 -12.11 1.65
C LEU A 324 17.97 -12.75 0.29
N ALA A 325 16.94 -13.39 -0.22
CA ALA A 325 16.97 -14.01 -1.54
C ALA A 325 16.69 -13.02 -2.66
N ALA A 326 16.00 -11.93 -2.40
CA ALA A 326 15.67 -10.97 -3.43
C ALA A 326 16.89 -10.14 -3.83
N TYR A 327 17.92 -10.09 -2.98
CA TYR A 327 19.17 -9.44 -3.48
C TYR A 327 19.66 -10.16 -4.74
N SER A 328 19.71 -11.47 -4.73
CA SER A 328 20.14 -12.20 -5.89
C SER A 328 19.17 -12.14 -6.99
N SER A 329 17.89 -12.34 -6.74
CA SER A 329 16.93 -12.37 -7.86
C SER A 329 16.81 -11.06 -8.54
N TYR A 330 16.78 -9.93 -7.82
CA TYR A 330 16.45 -8.67 -8.41
C TYR A 330 17.38 -7.48 -8.11
N TYR A 331 17.99 -7.40 -6.92
CA TYR A 331 18.58 -6.15 -6.43
C TYR A 331 20.08 -6.01 -6.77
N SER A 332 20.67 -6.97 -7.45
CA SER A 332 22.15 -7.04 -7.51
C SER A 332 22.77 -6.18 -8.52
N GLY A 333 22.03 -5.41 -9.27
CA GLY A 333 22.61 -4.45 -10.20
C GLY A 333 22.89 -4.99 -11.57
N THR A 334 22.28 -6.10 -11.98
CA THR A 334 22.51 -6.83 -13.21
C THR A 334 21.20 -6.95 -13.94
N PRO A 335 21.18 -6.93 -15.27
CA PRO A 335 19.94 -7.17 -15.94
C PRO A 335 19.20 -8.46 -15.62
N PHE A 336 17.88 -8.38 -15.55
CA PHE A 336 17.06 -9.48 -15.27
C PHE A 336 16.72 -10.26 -16.58
N ALA A 337 17.28 -11.49 -16.64
CA ALA A 337 17.27 -12.24 -17.87
C ALA A 337 15.90 -12.48 -18.45
N TYR A 338 14.97 -12.92 -17.65
CA TYR A 338 13.65 -13.30 -18.13
C TYR A 338 13.11 -12.08 -18.84
N ALA A 339 13.20 -10.89 -18.23
CA ALA A 339 12.59 -9.74 -18.85
C ALA A 339 13.34 -9.27 -20.10
N GLU A 340 14.68 -9.29 -20.08
CA GLU A 340 15.39 -8.97 -21.22
C GLU A 340 15.03 -9.87 -22.39
N ASP A 341 14.87 -11.15 -22.15
CA ASP A 341 14.55 -12.13 -23.24
C ASP A 341 13.12 -11.82 -23.74
N TRP A 342 12.14 -11.62 -22.85
CA TRP A 342 10.79 -11.38 -23.23
C TRP A 342 10.69 -10.12 -24.10
N TYR A 343 11.33 -9.00 -23.68
CA TYR A 343 11.25 -7.78 -24.39
C TYR A 343 12.05 -7.84 -25.72
N ARG A 344 13.21 -8.50 -25.68
CA ARG A 344 13.95 -8.66 -26.93
C ARG A 344 13.20 -9.43 -27.96
N TYR A 345 12.75 -10.63 -27.58
CA TYR A 345 12.29 -11.57 -28.59
C TYR A 345 10.83 -11.50 -28.89
N VAL A 346 10.02 -11.05 -27.95
CA VAL A 346 8.56 -10.93 -28.09
C VAL A 346 8.07 -9.48 -28.23
N VAL A 347 8.52 -8.57 -27.34
CA VAL A 347 7.95 -7.27 -27.41
C VAL A 347 8.51 -6.47 -28.61
N PHE A 348 9.81 -6.36 -28.68
CA PHE A 348 10.50 -5.47 -29.65
C PHE A 348 11.05 -6.24 -30.86
N ASN A 349 11.19 -7.55 -30.80
CA ASN A 349 11.83 -8.23 -31.93
C ASN A 349 13.11 -7.62 -32.33
N ASN A 350 13.95 -7.38 -31.36
CA ASN A 350 15.26 -6.71 -31.53
C ASN A 350 16.18 -7.32 -30.53
N THR A 351 17.12 -8.12 -31.01
CA THR A 351 18.05 -8.80 -30.12
C THR A 351 19.00 -7.92 -29.35
N ASN A 352 19.13 -6.63 -29.71
CA ASN A 352 19.98 -5.69 -29.07
C ASN A 352 19.32 -4.79 -28.09
N TRP A 353 18.01 -4.98 -27.85
CA TRP A 353 17.34 -4.09 -26.96
C TRP A 353 17.92 -4.19 -25.54
N ASP A 354 18.06 -3.05 -24.87
CA ASP A 354 18.76 -2.99 -23.57
C ASP A 354 17.72 -2.74 -22.45
N VAL A 355 17.56 -3.81 -21.67
CA VAL A 355 16.57 -3.75 -20.60
C VAL A 355 16.78 -2.63 -19.60
N ALA A 356 18.00 -2.15 -19.46
CA ALA A 356 18.21 -1.02 -18.55
C ALA A 356 17.41 0.19 -18.99
N THR A 357 16.98 0.29 -20.23
CA THR A 357 16.18 1.39 -20.71
C THR A 357 14.66 1.29 -20.49
N TRP A 358 14.24 0.20 -19.75
CA TRP A 358 12.85 -0.07 -19.55
C TRP A 358 12.09 1.08 -19.00
N THR A 359 10.93 1.40 -19.53
CA THR A 359 10.04 2.35 -19.08
C THR A 359 8.61 1.84 -19.03
N VAL A 360 7.72 2.56 -18.36
CA VAL A 360 6.30 2.21 -18.38
C VAL A 360 5.70 2.29 -19.79
N GLN A 361 6.25 3.09 -20.71
CA GLN A 361 5.75 3.09 -22.05
C GLN A 361 6.05 1.75 -22.71
N ASP A 362 7.20 1.17 -22.41
CA ASP A 362 7.55 -0.19 -22.89
C ASP A 362 6.58 -1.19 -22.34
N ALA A 363 6.18 -1.06 -21.07
CA ALA A 363 5.25 -1.99 -20.46
C ALA A 363 3.87 -1.87 -21.08
N ALA A 364 3.46 -0.69 -21.48
CA ALA A 364 2.16 -0.46 -22.13
C ALA A 364 2.12 -1.23 -23.49
N ILE A 365 3.22 -1.15 -24.21
CA ILE A 365 3.33 -1.89 -25.51
C ILE A 365 3.16 -3.38 -25.27
N ALA A 366 3.87 -3.84 -24.28
CA ALA A 366 3.87 -5.29 -23.93
C ALA A 366 2.51 -5.72 -23.52
N ASN A 367 1.83 -4.92 -22.71
CA ASN A 367 0.49 -5.29 -22.23
C ASN A 367 -0.54 -5.36 -23.33
N ALA A 368 -0.48 -4.42 -24.28
CA ALA A 368 -1.37 -4.43 -25.39
C ALA A 368 -1.13 -5.61 -26.31
N GLN A 369 0.10 -6.06 -26.40
CA GLN A 369 0.42 -7.23 -27.24
C GLN A 369 -0.27 -8.44 -26.67
N ASP A 370 -0.07 -8.66 -25.36
CA ASP A 370 -0.54 -9.82 -24.53
C ASP A 370 -0.61 -11.07 -25.42
N PRO A 371 0.49 -11.63 -25.87
CA PRO A 371 0.37 -12.75 -26.81
C PRO A 371 -0.38 -13.93 -26.20
N TYR A 372 -1.42 -14.40 -26.87
CA TYR A 372 -2.21 -15.59 -26.48
C TYR A 372 -2.71 -15.41 -25.06
N GLN A 373 -3.03 -14.19 -24.61
CA GLN A 373 -3.53 -13.92 -23.28
C GLN A 373 -2.63 -14.64 -22.29
N ILE A 374 -1.33 -14.48 -22.44
CA ILE A 374 -0.37 -15.05 -21.48
C ILE A 374 -0.52 -14.32 -20.10
N SER A 375 -1.05 -13.08 -20.11
CA SER A 375 -1.41 -12.39 -18.85
C SER A 375 -2.12 -13.29 -17.87
N THR A 376 -3.02 -14.22 -18.29
CA THR A 376 -3.64 -15.19 -17.39
C THR A 376 -4.35 -14.50 -16.26
N TRP A 377 -5.15 -13.50 -16.52
CA TRP A 377 -5.77 -12.67 -15.48
C TRP A 377 -7.26 -12.72 -15.55
N ASN A 378 -7.87 -13.64 -16.29
CA ASN A 378 -9.31 -13.74 -16.37
C ASN A 378 -9.85 -14.00 -14.97
N GLY A 379 -10.75 -13.17 -14.47
CA GLY A 379 -11.34 -13.33 -13.14
C GLY A 379 -12.65 -14.08 -13.20
N ASP A 380 -13.20 -14.36 -14.37
CA ASP A 380 -14.45 -15.13 -14.47
C ASP A 380 -14.20 -16.58 -14.61
N LEU A 381 -14.36 -17.29 -13.49
CA LEU A 381 -14.14 -18.71 -13.45
C LEU A 381 -15.45 -19.54 -13.53
N SER A 382 -16.50 -18.92 -14.01
CA SER A 382 -17.81 -19.64 -14.07
C SER A 382 -17.75 -20.95 -14.85
N PRO A 383 -17.10 -21.02 -16.00
CA PRO A 383 -17.09 -22.34 -16.66
C PRO A 383 -16.47 -23.43 -15.84
N PHE A 384 -15.34 -23.17 -15.18
CA PHE A 384 -14.71 -24.22 -14.35
C PHE A 384 -15.62 -24.53 -13.14
N GLN A 385 -16.17 -23.52 -12.49
CA GLN A 385 -17.08 -23.72 -11.39
C GLN A 385 -18.25 -24.66 -11.82
N LYS A 386 -18.84 -24.30 -12.95
CA LYS A 386 -20.06 -25.07 -13.41
C LYS A 386 -19.76 -26.47 -13.75
N LYS A 387 -18.56 -26.82 -14.19
CA LYS A 387 -18.26 -28.21 -14.47
C LYS A 387 -17.70 -28.97 -13.29
N GLY A 388 -17.75 -28.33 -12.10
CA GLY A 388 -17.40 -28.97 -10.86
C GLY A 388 -15.93 -28.93 -10.48
N GLY A 389 -15.15 -28.13 -11.21
CA GLY A 389 -13.71 -28.02 -10.92
C GLY A 389 -13.44 -27.37 -9.57
N LYS A 390 -12.32 -27.78 -8.99
CA LYS A 390 -11.80 -27.22 -7.72
C LYS A 390 -10.41 -26.78 -7.91
N VAL A 391 -10.07 -25.63 -7.26
CA VAL A 391 -8.70 -25.05 -7.36
C VAL A 391 -8.28 -24.60 -5.95
N LEU A 392 -7.05 -25.08 -5.60
CA LEU A 392 -6.39 -24.76 -4.36
C LEU A 392 -5.21 -23.97 -4.79
N HIS A 393 -5.24 -22.66 -4.32
CA HIS A 393 -4.12 -21.76 -4.67
C HIS A 393 -3.29 -21.39 -3.41
N TYR A 394 -1.97 -21.36 -3.52
CA TYR A 394 -1.18 -20.93 -2.36
C TYR A 394 -0.07 -20.01 -2.81
N HIS A 395 0.56 -19.31 -1.87
CA HIS A 395 1.71 -18.47 -2.21
C HIS A 395 2.47 -18.28 -0.94
N GLY A 396 3.78 -18.28 -0.96
CA GLY A 396 4.65 -18.08 0.22
C GLY A 396 4.85 -16.66 0.53
N MET A 397 4.83 -16.28 1.79
CA MET A 397 4.99 -14.87 2.20
C MET A 397 6.37 -14.30 2.15
N GLU A 398 7.40 -15.10 1.93
CA GLU A 398 8.75 -14.68 1.78
C GLU A 398 9.22 -14.82 0.32
N ASP A 399 8.35 -14.75 -0.67
CA ASP A 399 8.72 -15.00 -2.06
C ASP A 399 9.50 -13.85 -2.60
N ALA A 400 10.72 -14.20 -3.05
CA ALA A 400 11.66 -13.21 -3.64
C ALA A 400 11.59 -13.12 -5.13
N ILE A 401 10.73 -13.94 -5.76
CA ILE A 401 10.64 -14.06 -7.21
C ILE A 401 9.36 -13.52 -7.74
N ILE A 402 8.24 -13.86 -7.12
CA ILE A 402 6.93 -13.43 -7.49
C ILE A 402 6.27 -12.95 -6.19
N SER A 403 5.95 -11.66 -6.15
CA SER A 403 5.41 -11.06 -4.94
C SER A 403 4.09 -11.74 -4.60
N SER A 404 3.94 -12.19 -3.32
CA SER A 404 2.70 -12.80 -2.89
C SER A 404 1.52 -11.90 -2.96
N GLU A 405 1.72 -10.56 -2.99
CA GLU A 405 0.61 -9.66 -3.14
C GLU A 405 -0.10 -9.88 -4.49
N SER A 406 0.60 -10.35 -5.51
CA SER A 406 -0.05 -10.60 -6.79
C SER A 406 -1.19 -11.60 -6.66
N SER A 407 -0.98 -12.64 -5.82
CA SER A 407 -1.99 -13.67 -5.57
C SER A 407 -3.20 -13.09 -4.80
N LYS A 408 -2.97 -12.22 -3.83
CA LYS A 408 -4.04 -11.57 -3.12
C LYS A 408 -4.87 -10.66 -3.98
N VAL A 409 -4.19 -9.86 -4.85
CA VAL A 409 -4.90 -8.99 -5.80
C VAL A 409 -5.77 -9.89 -6.76
N TYR A 410 -5.22 -11.03 -7.19
CA TYR A 410 -5.94 -11.93 -8.04
C TYR A 410 -7.19 -12.47 -7.38
N TYR A 411 -7.07 -12.93 -6.13
CA TYR A 411 -8.22 -13.39 -5.39
C TYR A 411 -9.34 -12.38 -5.39
N LYS A 412 -8.97 -11.16 -5.03
CA LYS A 412 -9.94 -10.08 -4.99
C LYS A 412 -10.55 -9.79 -6.34
N HIS A 413 -9.77 -9.93 -7.39
CA HIS A 413 -10.24 -9.78 -8.74
C HIS A 413 -11.28 -10.83 -9.12
N VAL A 414 -11.06 -12.06 -8.73
CA VAL A 414 -12.05 -13.13 -8.99
C VAL A 414 -13.34 -12.82 -8.26
N ALA A 415 -13.27 -12.54 -6.96
CA ALA A 415 -14.46 -12.25 -6.16
C ALA A 415 -15.28 -11.14 -6.77
N ASP A 416 -14.60 -10.06 -7.06
CA ASP A 416 -15.34 -8.88 -7.57
C ASP A 416 -15.77 -9.02 -9.01
N THR A 417 -15.05 -9.74 -9.83
CA THR A 417 -15.47 -10.03 -11.23
C THR A 417 -16.68 -11.01 -11.22
N MET A 418 -16.64 -12.05 -10.44
CA MET A 418 -17.76 -12.97 -10.39
C MET A 418 -18.92 -12.52 -9.53
N ASN A 419 -18.74 -11.46 -8.78
CA ASN A 419 -19.69 -11.10 -7.78
C ASN A 419 -20.04 -12.25 -6.84
N LEU A 420 -19.02 -12.94 -6.37
CA LEU A 420 -19.17 -14.05 -5.39
C LEU A 420 -18.41 -13.67 -4.15
N SER A 421 -19.04 -13.82 -2.97
CA SER A 421 -18.37 -13.63 -1.74
C SER A 421 -17.32 -14.73 -1.45
N PRO A 422 -16.38 -14.46 -0.52
CA PRO A 422 -15.39 -15.50 -0.20
C PRO A 422 -16.07 -16.78 0.16
N SER A 423 -17.13 -16.78 0.92
CA SER A 423 -17.75 -18.06 1.31
C SER A 423 -18.41 -18.74 0.17
N GLU A 424 -18.88 -17.98 -0.83
CA GLU A 424 -19.34 -18.56 -2.08
C GLU A 424 -18.22 -19.12 -2.88
N LEU A 425 -17.12 -18.38 -3.06
CA LEU A 425 -15.97 -18.92 -3.78
C LEU A 425 -15.48 -20.19 -3.16
N ASP A 426 -15.61 -20.29 -1.82
CA ASP A 426 -15.12 -21.46 -1.10
C ASP A 426 -15.71 -22.79 -1.68
N SER A 427 -16.84 -22.73 -2.39
CA SER A 427 -17.30 -23.96 -3.00
C SER A 427 -16.37 -24.58 -3.99
N PHE A 428 -15.52 -23.76 -4.63
CA PHE A 428 -14.69 -24.28 -5.66
C PHE A 428 -13.26 -23.75 -5.78
N TYR A 429 -12.99 -22.60 -5.11
CA TYR A 429 -11.70 -21.89 -5.20
C TYR A 429 -11.31 -21.40 -3.80
N ARG A 430 -10.23 -21.94 -3.27
CA ARG A 430 -9.73 -21.56 -1.95
C ARG A 430 -8.24 -21.24 -2.04
N PHE A 431 -7.85 -20.18 -1.32
CA PHE A 431 -6.53 -19.60 -1.41
C PHE A 431 -5.87 -19.46 -0.03
N PHE A 432 -4.61 -19.88 0.03
CA PHE A 432 -3.90 -19.98 1.31
C PHE A 432 -2.51 -19.33 1.22
N PRO A 433 -2.43 -18.08 1.68
CA PRO A 433 -1.10 -17.54 1.96
C PRO A 433 -0.34 -18.45 2.91
N ILE A 434 0.94 -18.70 2.71
CA ILE A 434 1.70 -19.59 3.59
C ILE A 434 2.85 -18.80 4.20
N SER A 435 2.83 -18.61 5.52
CA SER A 435 3.91 -17.92 6.19
C SER A 435 5.18 -18.78 6.15
N GLY A 436 6.31 -18.09 6.24
CA GLY A 436 7.55 -18.83 6.39
C GLY A 436 8.03 -19.65 5.21
N MET A 437 7.46 -19.35 4.01
CA MET A 437 7.70 -20.05 2.83
C MET A 437 8.32 -19.12 1.78
N ALA A 438 9.29 -19.65 1.03
CA ALA A 438 9.93 -19.03 -0.06
C ALA A 438 9.21 -19.22 -1.33
N HIS A 439 9.85 -19.10 -2.48
CA HIS A 439 9.26 -19.29 -3.77
C HIS A 439 9.24 -20.80 -4.08
N CYS A 440 8.05 -21.39 -3.99
CA CYS A 440 7.89 -22.77 -4.28
C CYS A 440 8.83 -23.72 -3.53
N ALA A 441 9.18 -23.34 -2.29
CA ALA A 441 10.14 -24.00 -1.45
C ALA A 441 9.98 -23.53 -0.04
N ASN A 442 10.59 -24.32 0.84
CA ASN A 442 10.64 -23.97 2.28
C ASN A 442 11.58 -22.79 2.48
N ALA A 443 11.18 -21.98 3.47
CA ALA A 443 12.05 -20.92 4.05
C ALA A 443 12.29 -21.35 5.54
N ASP A 444 12.05 -20.41 6.45
CA ASP A 444 12.34 -20.58 7.87
C ASP A 444 11.18 -20.87 8.74
N GLY A 445 9.96 -20.97 8.22
CA GLY A 445 8.85 -21.24 8.99
C GLY A 445 8.11 -22.49 8.58
N PRO A 446 6.80 -22.53 8.94
CA PRO A 446 6.05 -23.81 8.75
C PRO A 446 5.52 -23.98 7.33
N SER A 447 6.45 -24.09 6.42
CA SER A 447 6.26 -23.95 5.00
C SER A 447 6.03 -25.29 4.26
N ALA A 448 6.23 -26.43 4.90
CA ALA A 448 6.24 -27.69 4.18
C ALA A 448 4.82 -28.19 4.15
N ILE A 449 4.14 -27.94 3.00
CA ILE A 449 2.72 -28.19 2.78
C ILE A 449 2.45 -29.29 1.76
N GLY A 450 3.48 -29.97 1.31
CA GLY A 450 3.20 -31.10 0.39
C GLY A 450 2.85 -30.76 -1.08
N GLN A 451 3.46 -29.69 -1.52
CA GLN A 451 3.29 -29.32 -2.94
C GLN A 451 4.35 -29.91 -3.85
N GLY A 452 5.15 -30.80 -3.33
CA GLY A 452 6.20 -31.49 -4.03
C GLY A 452 7.15 -32.19 -3.07
N THR A 453 8.05 -32.99 -3.59
CA THR A 453 9.05 -33.68 -2.79
C THR A 453 9.72 -32.69 -1.81
N GLY A 454 10.12 -31.54 -2.28
CA GLY A 454 10.87 -30.56 -1.51
C GLY A 454 10.09 -29.94 -0.37
N THR A 455 8.76 -30.05 -0.39
CA THR A 455 7.88 -29.57 0.72
C THR A 455 7.08 -30.62 1.40
N PHE A 456 7.46 -31.90 1.24
CA PHE A 456 6.76 -33.01 1.80
C PHE A 456 6.88 -33.04 3.35
N ALA A 457 5.75 -33.24 4.00
CA ALA A 457 5.70 -33.44 5.49
C ALA A 457 4.61 -34.32 5.86
N GLY A 458 4.34 -35.33 5.09
CA GLY A 458 3.39 -36.33 5.43
C GLY A 458 2.25 -36.48 4.49
N ASN A 459 1.46 -37.51 4.66
CA ASN A 459 0.33 -37.85 3.83
C ASN A 459 -1.05 -37.62 4.38
N ASN A 460 -1.16 -36.95 5.52
CA ASN A 460 -2.46 -36.55 5.96
C ASN A 460 -2.98 -35.45 4.95
N PRO A 461 -4.18 -35.53 4.48
CA PRO A 461 -4.60 -34.51 3.50
C PRO A 461 -4.46 -33.13 4.06
N GLN A 462 -4.67 -32.88 5.34
CA GLN A 462 -4.46 -31.51 5.86
C GLN A 462 -3.03 -30.99 5.78
N ASP A 463 -2.07 -31.87 5.57
CA ASP A 463 -0.62 -31.57 5.52
C ASP A 463 -0.04 -31.69 4.12
N ASN A 464 -0.88 -32.09 3.15
CA ASN A 464 -0.44 -32.43 1.80
C ASN A 464 -1.43 -31.93 0.81
N VAL A 465 -1.08 -30.79 0.15
CA VAL A 465 -2.05 -30.14 -0.65
C VAL A 465 -2.48 -30.98 -1.88
N LEU A 466 -1.63 -31.84 -2.39
CA LEU A 466 -1.99 -32.71 -3.46
C LEU A 466 -3.14 -33.65 -3.01
N LEU A 467 -2.94 -34.32 -1.87
CA LEU A 467 -3.90 -35.20 -1.35
C LEU A 467 -5.14 -34.48 -0.82
N ALA A 468 -5.02 -33.23 -0.38
CA ALA A 468 -6.20 -32.42 -0.03
C ALA A 468 -7.09 -32.22 -1.25
N MET A 469 -6.45 -32.00 -2.43
CA MET A 469 -7.23 -31.83 -3.63
C MET A 469 -7.94 -33.10 -4.07
N VAL A 470 -7.21 -34.23 -3.94
CA VAL A 470 -7.91 -35.52 -4.23
C VAL A 470 -9.15 -35.70 -3.33
N GLN A 471 -9.03 -35.39 -2.05
CA GLN A 471 -10.08 -35.48 -1.10
C GLN A 471 -11.24 -34.57 -1.45
N TRP A 472 -10.92 -33.33 -1.88
CA TRP A 472 -11.92 -32.34 -2.23
C TRP A 472 -12.71 -32.75 -3.45
N VAL A 473 -12.00 -33.18 -4.50
CA VAL A 473 -12.68 -33.57 -5.75
C VAL A 473 -13.48 -34.88 -5.54
N GLU A 474 -12.88 -35.82 -4.88
CA GLU A 474 -13.45 -37.20 -4.89
C GLU A 474 -14.39 -37.46 -3.70
N GLU A 475 -14.22 -36.78 -2.61
CA GLU A 475 -15.00 -36.97 -1.39
C GLU A 475 -15.78 -35.75 -1.00
N GLY A 476 -15.60 -34.58 -1.65
CA GLY A 476 -16.32 -33.38 -1.35
C GLY A 476 -15.85 -32.69 -0.07
N VAL A 477 -14.67 -32.97 0.45
CA VAL A 477 -14.19 -32.44 1.71
C VAL A 477 -13.11 -31.42 1.39
N ALA A 478 -13.54 -30.13 1.52
CA ALA A 478 -12.70 -28.99 1.06
C ALA A 478 -11.73 -28.59 2.16
N PRO A 479 -10.57 -28.01 1.81
CA PRO A 479 -9.61 -27.64 2.81
C PRO A 479 -9.98 -26.38 3.50
N ASP A 480 -10.25 -26.40 4.81
CA ASP A 480 -10.56 -25.20 5.54
C ASP A 480 -9.31 -24.44 5.95
N PHE A 481 -8.21 -25.09 5.93
CA PHE A 481 -6.87 -24.56 6.26
C PHE A 481 -5.90 -25.47 5.50
N VAL A 482 -4.69 -25.01 5.31
CA VAL A 482 -3.54 -25.80 4.80
C VAL A 482 -2.50 -25.87 5.87
N ARG A 483 -2.20 -27.05 6.45
CA ARG A 483 -1.21 -27.10 7.50
C ARG A 483 0.12 -27.33 6.90
N GLY A 484 1.09 -26.61 7.39
CA GLY A 484 2.47 -26.73 7.02
C GLY A 484 3.39 -27.03 8.15
N ALA A 485 4.50 -27.68 7.85
CA ALA A 485 5.49 -28.01 8.88
C ALA A 485 6.75 -27.22 8.76
N LYS A 486 7.41 -26.90 9.88
CA LYS A 486 8.76 -26.40 9.96
C LYS A 486 9.68 -27.59 10.24
N LEU A 487 10.43 -27.94 9.19
CA LEU A 487 11.28 -29.12 9.24
C LEU A 487 12.76 -28.75 9.60
N ASN A 488 13.39 -29.69 10.30
CA ASN A 488 14.84 -29.76 10.54
C ASN A 488 15.23 -31.12 9.92
N GLY A 489 15.79 -31.03 8.72
CA GLY A 489 15.96 -32.19 7.88
C GLY A 489 14.62 -32.83 7.63
N SER A 490 14.42 -34.06 8.12
CA SER A 490 13.14 -34.75 8.00
C SER A 490 12.36 -34.74 9.31
N THR A 491 12.87 -34.04 10.31
CA THR A 491 12.15 -33.93 11.59
C THR A 491 11.18 -32.71 11.56
N VAL A 492 9.94 -32.98 11.87
CA VAL A 492 8.91 -31.94 12.06
C VAL A 492 9.17 -31.26 13.39
N GLU A 493 9.62 -29.99 13.37
CA GLU A 493 9.76 -29.21 14.61
C GLU A 493 8.42 -28.77 15.15
N TYR A 494 7.58 -28.19 14.27
CA TYR A 494 6.27 -27.78 14.60
C TYR A 494 5.43 -27.63 13.31
N ARG A 495 4.15 -27.46 13.50
CA ARG A 495 3.23 -27.16 12.38
C ARG A 495 2.42 -25.95 12.69
N ARG A 496 1.76 -25.35 11.66
CA ARG A 496 0.82 -24.29 11.77
C ARG A 496 -0.23 -24.48 10.75
N LYS A 497 -1.48 -24.20 11.08
CA LYS A 497 -2.61 -24.23 10.11
C LYS A 497 -2.69 -22.88 9.44
N HIS A 498 -2.33 -22.82 8.19
CA HIS A 498 -2.45 -21.54 7.44
C HIS A 498 -3.88 -21.32 7.06
N CYS A 499 -4.34 -20.13 7.43
CA CYS A 499 -5.77 -19.77 7.27
C CYS A 499 -6.18 -19.69 5.81
N LYS A 500 -7.45 -19.91 5.61
CA LYS A 500 -8.09 -19.64 4.33
C LYS A 500 -8.33 -18.16 4.15
N TYR A 501 -7.72 -17.58 3.11
CA TYR A 501 -7.92 -16.15 2.85
C TYR A 501 -9.39 -15.87 2.63
N PRO A 502 -9.94 -14.75 3.11
CA PRO A 502 -9.22 -13.60 3.67
C PRO A 502 -8.84 -13.58 5.12
N LYS A 503 -9.08 -14.65 5.88
CA LYS A 503 -8.73 -14.57 7.28
C LYS A 503 -7.26 -14.52 7.52
N ARG A 504 -6.88 -13.82 8.59
CA ARG A 504 -5.54 -13.57 9.06
C ARG A 504 -5.22 -14.52 10.22
N ASN A 505 -4.02 -15.03 10.26
CA ASN A 505 -3.58 -15.85 11.36
C ASN A 505 -2.95 -14.98 12.45
N ARG A 506 -3.51 -14.98 13.63
CA ARG A 506 -2.95 -14.16 14.74
C ARG A 506 -2.60 -15.07 15.90
N TYR A 507 -1.47 -14.76 16.48
CA TYR A 507 -0.91 -15.55 17.62
C TYR A 507 -1.57 -14.97 18.89
N VAL A 508 -2.20 -15.85 19.66
CA VAL A 508 -2.97 -15.39 20.83
C VAL A 508 -2.56 -16.18 22.06
N GLY A 509 -1.78 -17.23 21.98
CA GLY A 509 -1.45 -18.04 23.18
C GLY A 509 -2.65 -18.91 23.50
N PRO A 510 -2.66 -19.54 24.73
CA PRO A 510 -1.67 -19.50 25.75
C PRO A 510 -0.43 -20.24 25.52
N GLY A 511 -0.40 -21.22 24.63
CA GLY A 511 0.77 -21.89 24.27
C GLY A 511 1.81 -21.09 23.49
N SER A 512 2.99 -21.63 23.30
CA SER A 512 4.07 -21.03 22.50
C SER A 512 3.55 -20.85 21.05
N TYR A 513 4.21 -19.99 20.31
CA TYR A 513 3.83 -19.87 18.89
C TYR A 513 4.09 -21.16 18.12
N THR A 514 4.82 -22.16 18.62
CA THR A 514 5.01 -23.48 17.98
C THR A 514 3.77 -24.34 18.17
N ASP A 515 2.82 -23.96 19.04
CA ASP A 515 1.60 -24.68 19.20
C ASP A 515 0.55 -24.19 18.21
N GLU A 516 0.20 -25.00 17.26
CA GLU A 516 -0.77 -24.55 16.26
C GLU A 516 -2.10 -24.12 16.85
N ASN A 517 -2.46 -24.56 18.05
CA ASN A 517 -3.65 -24.15 18.74
C ASN A 517 -3.62 -22.79 19.39
N ALA A 518 -2.42 -22.23 19.45
CA ALA A 518 -2.17 -20.90 20.01
C ALA A 518 -2.39 -19.79 18.95
N TRP A 519 -2.79 -20.16 17.75
CA TRP A 519 -3.11 -19.25 16.65
C TRP A 519 -4.54 -19.33 16.32
N GLU A 520 -5.12 -18.23 15.96
CA GLU A 520 -6.51 -18.14 15.52
C GLU A 520 -6.63 -17.46 14.15
N CYS A 521 -7.49 -17.94 13.29
CA CYS A 521 -7.85 -17.27 12.03
C CYS A 521 -9.01 -16.33 12.25
N VAL A 522 -8.85 -15.06 11.90
CA VAL A 522 -9.81 -14.02 12.11
C VAL A 522 -10.13 -13.21 10.86
N SER B 18 -3.84 54.44 31.25
CA SER B 18 -4.38 53.04 31.34
C SER B 18 -4.10 52.31 30.05
N PHE B 19 -4.01 50.99 30.16
CA PHE B 19 -3.90 50.17 28.93
C PHE B 19 -5.00 50.56 27.95
N GLN B 20 -6.23 50.65 28.45
CA GLN B 20 -7.40 51.02 27.63
C GLN B 20 -7.23 52.36 26.97
N ALA B 21 -6.87 53.37 27.75
CA ALA B 21 -6.71 54.68 27.14
C ALA B 21 -5.57 54.69 26.04
N GLU B 22 -4.45 54.07 26.34
CA GLU B 22 -3.36 53.94 25.39
C GLU B 22 -3.78 53.14 24.12
N CYS B 23 -4.61 52.08 24.32
CA CYS B 23 -5.20 51.46 23.16
C CYS B 23 -6.06 52.42 22.35
N GLU B 24 -6.98 53.12 23.06
CA GLU B 24 -8.15 53.76 22.37
C GLU B 24 -7.69 55.07 21.67
N SER B 25 -6.46 55.50 21.94
CA SER B 25 -5.77 56.50 21.13
C SER B 25 -4.54 56.04 20.24
N PHE B 26 -4.28 54.72 20.11
CA PHE B 26 -3.14 54.16 19.35
C PHE B 26 -3.31 54.31 17.87
N LYS B 27 -4.53 54.45 17.40
CA LYS B 27 -4.81 54.49 15.95
C LYS B 27 -3.97 55.55 15.21
N ALA B 28 -3.71 56.63 15.95
CA ALA B 28 -3.10 57.79 15.38
C ALA B 28 -1.64 57.50 15.13
N LYS B 29 -1.03 56.62 15.95
CA LYS B 29 0.39 56.19 15.80
C LYS B 29 0.67 55.16 14.67
N ILE B 30 -0.37 54.48 14.18
CA ILE B 30 -0.12 53.38 13.26
C ILE B 30 0.47 53.93 11.97
N ASN B 31 1.52 53.29 11.48
CA ASN B 31 2.16 53.77 10.23
C ASN B 31 2.41 52.72 9.13
N VAL B 32 1.46 51.83 8.95
CA VAL B 32 1.64 50.76 7.99
C VAL B 32 1.41 51.29 6.58
N THR B 33 2.28 50.90 5.62
CA THR B 33 2.14 51.42 4.25
C THR B 33 0.99 50.73 3.47
N ASN B 34 0.36 51.48 2.60
CA ASN B 34 -0.64 51.01 1.63
C ASN B 34 -1.71 50.21 2.35
N ALA B 35 -2.21 50.79 3.44
CA ALA B 35 -3.14 50.13 4.32
C ALA B 35 -4.27 51.07 4.64
N ASN B 36 -5.35 50.53 5.16
CA ASN B 36 -6.54 51.25 5.49
C ASN B 36 -6.97 50.71 6.87
N VAL B 37 -6.67 51.44 7.96
CA VAL B 37 -7.08 51.04 9.32
C VAL B 37 -8.55 51.29 9.53
N HIS B 38 -9.32 50.26 9.85
CA HIS B 38 -10.75 50.39 9.98
C HIS B 38 -11.07 50.85 11.41
N SER B 39 -10.47 50.22 12.39
CA SER B 39 -10.67 50.53 13.80
C SER B 39 -9.60 50.09 14.70
N VAL B 40 -9.48 50.83 15.83
CA VAL B 40 -8.74 50.42 16.95
C VAL B 40 -9.70 50.49 18.15
N THR B 41 -9.96 49.35 18.74
CA THR B 41 -10.88 49.27 19.89
C THR B 41 -10.23 48.52 21.04
N TYR B 42 -10.70 48.81 22.24
CA TYR B 42 -10.36 48.12 23.45
C TYR B 42 -11.42 47.14 23.79
N VAL B 43 -11.02 45.89 24.01
CA VAL B 43 -11.94 44.83 24.37
C VAL B 43 -11.61 44.31 25.78
N PRO B 44 -12.52 44.57 26.73
CA PRO B 44 -12.29 44.10 28.05
C PRO B 44 -12.42 42.60 28.16
N ALA B 45 -11.95 42.07 29.30
CA ALA B 45 -12.23 40.73 29.67
C ALA B 45 -13.70 40.56 29.96
N GLY B 46 -14.23 39.44 29.54
CA GLY B 46 -15.54 39.00 29.95
C GLY B 46 -16.62 39.42 29.01
N VAL B 47 -16.28 39.88 27.80
CA VAL B 47 -17.29 40.15 26.79
C VAL B 47 -17.24 39.19 25.68
N ASN B 48 -18.37 39.05 25.03
CA ASN B 48 -18.36 38.35 23.79
C ASN B 48 -17.78 39.24 22.73
N ILE B 49 -16.70 38.77 22.10
CA ILE B 49 -15.94 39.62 21.16
C ILE B 49 -16.73 39.94 19.92
N SER B 50 -16.82 41.22 19.51
CA SER B 50 -17.66 41.57 18.40
C SER B 50 -17.19 41.05 17.09
N MET B 51 -18.13 40.79 16.20
CA MET B 51 -17.86 40.07 15.01
C MET B 51 -18.46 40.67 13.78
N ALA B 52 -18.75 41.98 13.83
CA ALA B 52 -19.37 42.66 12.70
C ALA B 52 -18.46 42.68 11.49
N ASP B 53 -17.13 42.57 11.68
CA ASP B 53 -16.22 42.49 10.49
C ASP B 53 -16.11 41.06 10.00
N ASN B 54 -16.61 40.07 10.78
CA ASN B 54 -16.65 38.62 10.30
C ASN B 54 -17.85 38.48 9.38
N PRO B 55 -17.62 38.30 8.08
CA PRO B 55 -18.74 38.13 7.15
C PRO B 55 -19.74 37.02 7.53
N SER B 56 -21.00 37.31 7.20
CA SER B 56 -22.08 36.35 7.13
C SER B 56 -21.60 34.96 6.66
N PRO B 64 -20.31 33.14 19.43
CA PRO B 64 -19.52 34.22 20.06
C PRO B 64 -18.47 33.69 20.97
N ILE B 65 -17.33 34.38 21.04
CA ILE B 65 -16.30 33.96 21.93
C ILE B 65 -16.21 34.91 23.11
N THR B 66 -16.26 34.38 24.32
CA THR B 66 -16.16 35.18 25.50
C THR B 66 -14.71 35.35 25.83
N SER B 67 -14.27 36.59 25.73
CA SER B 67 -12.94 36.88 26.24
C SER B 67 -12.73 36.58 27.71
N THR B 68 -11.56 36.03 28.05
CA THR B 68 -11.13 35.85 29.43
C THR B 68 -9.91 36.76 29.70
N PHE B 69 -9.72 37.73 28.82
CA PHE B 69 -8.55 38.60 28.85
C PHE B 69 -8.97 39.89 28.11
N ALA B 70 -8.26 40.96 28.42
CA ALA B 70 -8.39 42.22 27.73
C ALA B 70 -7.36 42.33 26.67
N PHE B 71 -7.72 43.08 25.66
CA PHE B 71 -6.80 43.34 24.56
C PHE B 71 -7.19 44.60 23.75
N CYS B 72 -6.20 45.10 22.99
CA CYS B 72 -6.31 46.10 22.00
C CYS B 72 -6.44 45.42 20.65
N ARG B 73 -7.45 45.80 19.96
CA ARG B 73 -7.89 45.19 18.72
C ARG B 73 -7.70 46.13 17.61
N ILE B 74 -6.82 45.79 16.63
CA ILE B 74 -6.63 46.59 15.42
C ILE B 74 -7.15 45.87 14.18
N ALA B 75 -8.08 46.39 13.42
CA ALA B 75 -8.58 45.85 12.20
C ALA B 75 -8.17 46.69 11.03
N LEU B 76 -7.62 46.13 9.96
CA LEU B 76 -7.19 46.93 8.83
C LEU B 76 -7.15 46.11 7.55
N ASN B 77 -7.15 46.75 6.43
CA ASN B 77 -6.82 46.16 5.14
C ASN B 77 -5.42 46.63 4.74
N VAL B 78 -4.75 45.75 4.05
CA VAL B 78 -3.44 46.01 3.44
C VAL B 78 -3.56 45.62 2.02
N THR B 79 -3.17 46.53 1.11
CA THR B 79 -3.17 46.29 -0.32
C THR B 79 -1.98 45.45 -0.66
N THR B 80 -2.17 44.37 -1.44
CA THR B 80 -1.06 43.49 -1.77
C THR B 80 -0.63 43.49 -3.24
N SER B 81 -1.35 44.13 -4.12
CA SER B 81 -1.01 44.30 -5.54
C SER B 81 -1.99 45.34 -6.10
N SER B 82 -1.93 45.62 -7.40
CA SER B 82 -2.93 46.48 -8.03
C SER B 82 -4.33 45.88 -8.07
N LYS B 83 -4.45 44.57 -7.75
CA LYS B 83 -5.70 43.86 -7.93
C LYS B 83 -6.06 42.97 -6.73
N SER B 84 -5.37 43.11 -5.64
CA SER B 84 -5.59 42.24 -4.43
C SER B 84 -5.35 42.96 -3.16
N GLN B 85 -5.93 42.46 -2.05
CA GLN B 85 -5.76 43.04 -0.77
C GLN B 85 -6.18 42.05 0.32
N ILE B 86 -5.71 42.24 1.51
CA ILE B 86 -6.08 41.42 2.66
C ILE B 86 -6.87 42.27 3.64
N PHE B 87 -7.69 41.60 4.42
CA PHE B 87 -8.19 42.06 5.69
C PHE B 87 -7.47 41.35 6.77
N MET B 88 -7.07 42.04 7.83
CA MET B 88 -6.42 41.42 8.93
C MET B 88 -6.76 42.02 10.28
N GLU B 89 -6.53 41.32 11.36
CA GLU B 89 -6.56 41.81 12.68
C GLU B 89 -5.34 41.50 13.50
N ALA B 90 -5.01 42.40 14.42
CA ALA B 90 -4.01 42.17 15.41
C ALA B 90 -4.64 42.34 16.77
N TRP B 91 -4.45 41.38 17.66
CA TRP B 91 -4.93 41.37 19.04
C TRP B 91 -3.81 41.45 19.98
N LEU B 92 -3.66 42.60 20.69
CA LEU B 92 -2.53 42.89 21.46
C LEU B 92 -2.96 42.86 22.92
N PRO B 93 -2.67 41.77 23.65
CA PRO B 93 -3.25 41.62 24.99
C PRO B 93 -2.63 42.56 26.02
N SER B 94 -3.41 42.89 27.04
CA SER B 94 -2.83 43.68 28.17
C SER B 94 -1.85 42.85 28.95
N ASN B 95 -2.15 41.54 29.13
CA ASN B 95 -1.22 40.65 29.79
C ASN B 95 -0.25 39.98 28.80
N TYR B 96 0.67 40.78 28.30
CA TYR B 96 1.47 40.43 27.15
C TYR B 96 2.67 39.71 27.56
N SER B 97 2.95 38.57 26.88
CA SER B 97 4.05 37.71 27.15
C SER B 97 5.37 37.97 26.46
N GLY B 98 5.41 38.93 25.54
CA GLY B 98 6.58 39.25 24.72
C GLY B 98 6.71 38.33 23.50
N ARG B 99 5.65 37.53 23.27
CA ARG B 99 5.64 36.56 22.13
C ARG B 99 4.67 36.98 21.08
N PHE B 100 5.02 36.87 19.79
CA PHE B 100 4.17 37.12 18.68
C PHE B 100 3.65 35.77 18.12
N LEU B 101 2.43 35.80 17.66
CA LEU B 101 1.82 34.56 17.05
C LEU B 101 0.97 34.90 15.88
N SER B 102 1.07 34.15 14.74
CA SER B 102 0.11 34.19 13.65
C SER B 102 -0.74 32.91 13.59
N THR B 103 -2.03 33.14 13.40
CA THR B 103 -2.96 32.05 13.04
C THR B 103 -2.98 31.94 11.54
N GLY B 104 -3.82 31.05 10.99
CA GLY B 104 -3.95 30.85 9.53
C GLY B 104 -5.43 30.60 9.16
N ASN B 105 -5.67 29.89 8.10
CA ASN B 105 -6.98 29.78 7.43
C ASN B 105 -7.45 28.30 7.35
N GLY B 106 -8.57 28.15 6.67
CA GLY B 106 -9.24 26.82 6.47
C GLY B 106 -9.78 26.83 5.03
N GLY B 107 -9.70 25.69 4.38
CA GLY B 107 -10.28 25.48 3.06
C GLY B 107 -9.69 26.36 2.03
N LEU B 108 -10.58 26.91 1.22
CA LEU B 108 -10.25 27.92 0.28
C LEU B 108 -10.58 29.32 0.84
N GLY B 109 -10.75 29.41 2.12
CA GLY B 109 -11.01 30.71 2.78
C GLY B 109 -9.78 31.55 2.95
N GLY B 110 -9.97 32.87 3.20
CA GLY B 110 -11.29 33.58 3.16
C GLY B 110 -11.92 33.96 4.47
N CYS B 111 -11.55 33.35 5.55
CA CYS B 111 -12.14 33.58 6.85
C CYS B 111 -11.07 33.62 7.90
N VAL B 112 -11.02 34.67 8.76
CA VAL B 112 -10.13 34.72 9.84
C VAL B 112 -10.52 33.69 10.87
N LYS B 113 -9.58 33.02 11.50
CA LYS B 113 -9.89 32.06 12.51
C LYS B 113 -9.82 32.68 13.90
N TYR B 114 -10.97 33.33 14.21
CA TYR B 114 -11.15 34.03 15.49
C TYR B 114 -11.03 33.16 16.70
N ASP B 115 -11.47 31.88 16.56
CA ASP B 115 -11.32 30.93 17.63
C ASP B 115 -9.82 30.74 18.07
N ASP B 116 -8.96 30.56 17.00
CA ASP B 116 -7.55 30.35 17.28
C ASP B 116 -6.88 31.69 17.78
N MET B 117 -7.42 32.78 17.25
CA MET B 117 -6.91 34.10 17.76
C MET B 117 -7.19 34.24 19.24
N ALA B 118 -8.40 33.89 19.61
CA ALA B 118 -8.72 33.93 21.04
C ALA B 118 -7.94 32.96 21.95
N TYR B 119 -7.71 31.74 21.41
CA TYR B 119 -6.90 30.77 22.07
C TYR B 119 -5.49 31.30 22.41
N ALA B 120 -4.83 31.86 21.34
CA ALA B 120 -3.51 32.34 21.53
C ALA B 120 -3.46 33.63 22.39
N ALA B 121 -4.36 34.55 22.09
CA ALA B 121 -4.33 35.85 22.79
C ALA B 121 -4.59 35.61 24.26
N GLY B 122 -5.36 34.59 24.61
CA GLY B 122 -5.55 34.18 26.02
C GLY B 122 -4.31 33.74 26.77
N TYR B 123 -3.30 33.28 26.04
CA TYR B 123 -2.02 33.00 26.58
C TYR B 123 -1.00 34.19 26.57
N GLY B 124 -1.47 35.33 26.12
CA GLY B 124 -0.66 36.59 26.19
C GLY B 124 0.14 36.84 24.92
N PHE B 125 -0.09 36.05 23.85
CA PHE B 125 0.56 36.32 22.60
C PHE B 125 -0.08 37.53 21.92
N ALA B 126 0.74 38.39 21.31
CA ALA B 126 0.36 39.39 20.32
C ALA B 126 0.05 38.57 19.07
N THR B 127 -1.21 38.58 18.69
CA THR B 127 -1.80 37.53 17.80
C THR B 127 -2.40 38.20 16.56
N VAL B 128 -2.13 37.68 15.35
CA VAL B 128 -2.70 38.13 14.13
C VAL B 128 -3.45 37.01 13.31
N GLY B 129 -4.37 37.42 12.47
CA GLY B 129 -5.04 36.60 11.52
C GLY B 129 -5.40 37.41 10.36
N THR B 130 -5.42 36.85 9.15
CA THR B 130 -5.86 37.49 7.97
C THR B 130 -6.98 36.72 7.24
N ASN B 131 -7.68 37.33 6.29
CA ASN B 131 -8.68 36.62 5.51
C ASN B 131 -8.05 35.86 4.35
N ASN B 132 -6.72 35.85 4.22
CA ASN B 132 -6.07 35.12 3.15
C ASN B 132 -6.21 35.69 1.80
N GLY B 133 -6.66 36.95 1.70
CA GLY B 133 -6.75 37.63 0.42
C GLY B 133 -8.14 37.76 -0.19
N HIS B 134 -9.15 37.19 0.48
CA HIS B 134 -10.55 37.34 -0.05
C HIS B 134 -11.44 36.99 1.06
N PHE B 135 -12.76 37.17 0.88
CA PHE B 135 -13.69 36.74 1.86
C PHE B 135 -14.52 35.56 1.33
N GLY B 136 -14.65 34.57 2.19
CA GLY B 136 -15.45 33.40 1.90
C GLY B 136 -14.59 32.19 1.63
N ASN B 137 -15.14 31.03 1.94
CA ASN B 137 -14.52 29.72 1.71
C ASN B 137 -14.95 29.21 0.39
N ASN B 138 -14.37 29.76 -0.66
CA ASN B 138 -14.62 29.36 -2.00
C ASN B 138 -13.53 30.00 -2.92
N GLY B 139 -13.45 29.56 -4.14
CA GLY B 139 -12.45 30.05 -5.12
C GLY B 139 -12.86 31.12 -6.08
N VAL B 140 -14.06 31.69 -5.90
CA VAL B 140 -14.55 32.55 -6.99
C VAL B 140 -13.66 33.78 -7.19
N SER B 141 -13.03 34.25 -6.13
CA SER B 141 -12.19 35.46 -6.18
C SER B 141 -10.90 35.17 -6.90
N PHE B 142 -10.56 33.88 -7.23
CA PHE B 142 -9.39 33.60 -8.01
C PHE B 142 -9.59 33.84 -9.51
N TYR B 143 -10.85 33.90 -9.92
CA TYR B 143 -11.15 33.88 -11.36
C TYR B 143 -10.63 35.13 -12.04
N GLN B 144 -9.75 34.88 -13.02
CA GLN B 144 -9.02 35.95 -13.71
C GLN B 144 -8.30 36.86 -12.79
N ASN B 145 -7.76 36.38 -11.68
CA ASN B 145 -7.07 37.24 -10.71
C ASN B 145 -5.99 36.42 -10.02
N THR B 146 -4.88 36.31 -10.70
CA THR B 146 -3.72 35.56 -10.22
C THR B 146 -3.11 36.14 -8.96
N GLU B 147 -3.29 37.44 -8.78
CA GLU B 147 -2.79 38.11 -7.56
C GLU B 147 -3.54 37.64 -6.30
N VAL B 148 -4.85 37.39 -6.38
CA VAL B 148 -5.62 36.86 -5.24
C VAL B 148 -5.13 35.39 -4.96
N VAL B 149 -4.77 34.62 -5.99
CA VAL B 149 -4.10 33.36 -5.83
C VAL B 149 -2.79 33.44 -5.14
N GLU B 150 -1.99 34.40 -5.54
CA GLU B 150 -0.65 34.60 -4.92
C GLU B 150 -0.85 34.89 -3.43
N ASP B 151 -1.83 35.73 -3.08
CA ASP B 151 -2.18 35.93 -1.69
C ASP B 151 -2.55 34.61 -0.99
N PHE B 152 -3.41 33.82 -1.60
CA PHE B 152 -3.81 32.55 -0.97
C PHE B 152 -2.60 31.62 -0.81
N ALA B 153 -1.70 31.57 -1.79
CA ALA B 153 -0.57 30.60 -1.80
C ALA B 153 0.47 30.84 -0.79
N TYR B 154 0.72 32.11 -0.43
CA TYR B 154 1.72 32.48 0.57
C TYR B 154 1.60 33.96 1.07
N ARG B 155 1.26 34.86 0.16
CA ARG B 155 1.59 36.26 0.40
C ARG B 155 0.70 36.86 1.51
N ALA B 156 -0.58 36.44 1.62
CA ALA B 156 -1.44 37.01 2.65
C ALA B 156 -0.92 36.70 4.05
N LEU B 157 -0.56 35.42 4.28
CA LEU B 157 -0.07 34.99 5.55
C LEU B 157 1.19 35.76 5.95
N HIS B 158 2.12 35.81 4.98
CA HIS B 158 3.41 36.51 5.27
C HIS B 158 3.15 38.01 5.48
N THR B 159 2.24 38.61 4.74
CA THR B 159 1.94 40.03 4.97
C THR B 159 1.43 40.26 6.41
N GLY B 160 0.54 39.38 6.87
CA GLY B 160 0.06 39.52 8.19
C GLY B 160 1.09 39.40 9.24
N VAL B 161 2.13 38.59 9.01
CA VAL B 161 3.28 38.48 9.89
C VAL B 161 4.10 39.81 9.91
N VAL B 162 4.44 40.25 8.72
CA VAL B 162 5.24 41.50 8.57
C VAL B 162 4.52 42.65 9.24
N VAL B 163 3.24 42.87 8.89
CA VAL B 163 2.47 43.98 9.45
C VAL B 163 2.22 43.75 10.95
N GLY B 164 1.88 42.52 11.35
CA GLY B 164 1.69 42.28 12.75
C GLY B 164 2.83 42.53 13.64
N LYS B 165 4.04 42.21 13.14
CA LYS B 165 5.25 42.51 13.89
C LYS B 165 5.47 44.04 13.95
N GLU B 166 5.20 44.74 12.89
CA GLU B 166 5.32 46.22 12.91
C GLU B 166 4.41 46.79 13.96
N LEU B 167 3.16 46.32 13.99
CA LEU B 167 2.18 46.85 14.96
C LEU B 167 2.60 46.51 16.35
N THR B 168 3.07 45.33 16.59
CA THR B 168 3.43 44.88 17.89
C THR B 168 4.63 45.70 18.43
N LYS B 169 5.60 45.95 17.59
CA LYS B 169 6.76 46.74 18.02
C LYS B 169 6.32 48.17 18.25
N ASN B 170 5.42 48.68 17.48
CA ASN B 170 4.89 50.09 17.70
C ASN B 170 4.13 50.18 18.99
N PHE B 171 3.37 49.15 19.37
CA PHE B 171 2.54 49.23 20.56
C PHE B 171 3.19 48.99 21.82
N TYR B 172 4.06 47.99 21.93
CA TYR B 172 4.74 47.60 23.14
C TYR B 172 6.17 48.08 23.08
N PRO B 173 6.57 48.98 24.01
CA PRO B 173 8.00 49.38 24.04
C PRO B 173 9.03 48.23 23.93
N GLN B 174 8.75 47.13 24.60
CA GLN B 174 9.66 45.93 24.61
C GLN B 174 9.62 45.09 23.27
N GLY B 175 8.68 45.36 22.35
CA GLY B 175 8.62 44.68 21.05
C GLY B 175 8.19 43.22 21.25
N TYR B 176 8.83 42.33 20.51
CA TYR B 176 8.60 40.91 20.76
C TYR B 176 9.92 40.18 20.70
N ASN B 177 9.96 39.02 21.32
CA ASN B 177 11.13 38.21 21.27
C ASN B 177 10.91 37.05 20.20
N LYS B 178 10.19 36.05 20.60
CA LYS B 178 10.03 34.91 19.69
C LYS B 178 8.67 34.99 19.05
N SER B 179 8.62 34.35 17.88
CA SER B 179 7.50 34.37 16.99
C SER B 179 7.03 32.94 16.68
N TYR B 180 5.74 32.80 16.78
CA TYR B 180 5.07 31.48 16.68
C TYR B 180 3.93 31.48 15.67
N TYR B 181 3.64 30.24 15.19
CA TYR B 181 2.57 29.95 14.27
C TYR B 181 1.74 28.73 14.73
N LEU B 182 0.42 28.93 14.65
CA LEU B 182 -0.57 27.92 15.01
C LEU B 182 -1.60 27.81 13.95
N GLY B 183 -1.69 26.62 13.26
CA GLY B 183 -2.69 26.44 12.21
C GLY B 183 -2.85 25.02 11.74
N CYS B 184 -4.00 24.69 11.15
CA CYS B 184 -4.38 23.30 10.79
C CYS B 184 -5.11 23.34 9.47
N SER B 185 -4.92 22.27 8.68
CA SER B 185 -5.60 22.12 7.39
C SER B 185 -4.96 23.04 6.35
N THR B 186 -5.70 23.92 5.71
CA THR B 186 -4.97 24.99 4.97
C THR B 186 -4.00 25.66 5.87
N GLY B 187 -4.31 25.86 7.13
CA GLY B 187 -3.36 26.45 8.08
C GLY B 187 -2.18 25.62 8.30
N GLY B 188 -2.27 24.32 8.20
CA GLY B 188 -1.10 23.47 8.26
C GLY B 188 -0.18 23.64 7.07
N ARG B 189 -0.79 23.76 5.93
CA ARG B 189 -0.08 24.07 4.74
C ARG B 189 0.65 25.43 4.88
N GLN B 190 -0.06 26.40 5.41
CA GLN B 190 0.51 27.76 5.58
C GLN B 190 1.66 27.76 6.52
N GLY B 191 1.63 26.98 7.61
CA GLY B 191 2.76 26.85 8.48
C GLY B 191 3.92 26.23 7.78
N TRP B 192 3.72 25.17 7.00
CA TRP B 192 4.78 24.56 6.25
C TRP B 192 5.34 25.43 5.12
N LYS B 193 4.51 26.21 4.48
CA LYS B 193 4.97 27.22 3.50
C LYS B 193 5.90 28.23 4.19
N SER B 194 5.58 28.57 5.42
CA SER B 194 6.46 29.46 6.22
C SER B 194 7.80 28.80 6.46
N VAL B 195 7.80 27.56 6.96
CA VAL B 195 9.03 26.81 7.22
C VAL B 195 9.89 26.67 5.98
N GLN B 196 9.28 26.30 4.87
CA GLN B 196 10.02 26.02 3.67
C GLN B 196 10.46 27.29 2.99
N THR B 197 9.71 28.37 2.99
CA THR B 197 9.92 29.51 2.09
C THR B 197 10.16 30.80 2.84
N PHE B 198 9.72 30.92 4.05
CA PHE B 198 9.88 32.12 4.87
C PHE B 198 10.38 31.69 6.22
N PRO B 199 11.59 31.09 6.31
CA PRO B 199 12.14 30.58 7.54
C PRO B 199 12.29 31.57 8.68
N ASP B 200 12.40 32.84 8.33
CA ASP B 200 12.60 33.82 9.36
C ASP B 200 11.31 34.35 9.91
N ASP B 201 10.13 33.96 9.41
CA ASP B 201 8.90 34.47 9.95
C ASP B 201 8.62 33.95 11.33
N PHE B 202 8.93 32.72 11.61
CA PHE B 202 8.59 32.11 12.90
C PHE B 202 9.80 31.38 13.50
N ASP B 203 9.89 31.38 14.84
CA ASP B 203 10.72 30.55 15.56
C ASP B 203 10.15 29.16 15.90
N GLY B 204 8.83 29.14 16.09
CA GLY B 204 8.20 27.89 16.43
C GLY B 204 6.90 27.78 15.67
N VAL B 205 6.76 26.62 15.01
CA VAL B 205 5.59 26.40 14.14
C VAL B 205 4.84 25.17 14.48
N VAL B 206 3.53 25.33 14.76
CA VAL B 206 2.67 24.17 15.10
C VAL B 206 1.70 24.04 13.96
N ALA B 207 1.86 22.91 13.19
CA ALA B 207 1.23 22.71 11.93
C ALA B 207 0.44 21.38 11.89
N GLY B 208 -0.87 21.51 11.80
CA GLY B 208 -1.72 20.32 11.81
C GLY B 208 -2.28 19.95 10.45
N ALA B 209 -2.50 18.65 10.26
CA ALA B 209 -3.23 18.06 9.14
C ALA B 209 -3.07 18.86 7.85
N PRO B 210 -1.80 18.95 7.36
CA PRO B 210 -1.56 20.06 6.42
C PRO B 210 -2.04 19.75 5.03
N ALA B 211 -2.58 20.79 4.43
CA ALA B 211 -2.99 20.79 2.98
C ALA B 211 -1.82 20.99 2.03
N PHE B 212 -0.63 20.49 2.38
CA PHE B 212 0.48 20.47 1.47
C PHE B 212 0.28 19.36 0.43
N ASN B 213 1.22 19.29 -0.53
CA ASN B 213 0.93 18.58 -1.81
C ASN B 213 -0.44 19.05 -2.34
N PHE B 214 -0.64 20.37 -2.29
CA PHE B 214 -1.96 20.98 -2.44
C PHE B 214 -2.66 20.67 -3.74
N ILE B 215 -1.91 20.71 -4.80
CA ILE B 215 -2.53 20.48 -6.12
C ILE B 215 -3.04 19.07 -6.22
N ASN B 216 -2.17 18.15 -5.80
CA ASN B 216 -2.50 16.70 -5.87
C ASN B 216 -3.61 16.38 -4.85
N LEU B 217 -3.64 17.08 -3.70
CA LEU B 217 -4.73 16.91 -2.75
C LEU B 217 -6.05 17.29 -3.37
N THR B 218 -6.05 18.43 -4.06
CA THR B 218 -7.22 18.95 -4.67
C THR B 218 -7.71 17.95 -5.78
N SER B 219 -6.79 17.44 -6.57
CA SER B 219 -7.08 16.42 -7.60
C SER B 219 -7.65 15.21 -6.98
N TRP B 220 -7.01 14.71 -5.95
CA TRP B 220 -7.51 13.55 -5.17
C TRP B 220 -8.95 13.75 -4.70
N GLY B 221 -9.29 14.97 -4.24
CA GLY B 221 -10.61 15.26 -3.87
C GLY B 221 -11.61 15.15 -5.01
N ALA B 222 -11.23 15.65 -6.19
CA ALA B 222 -12.06 15.45 -7.40
C ALA B 222 -12.22 14.02 -7.82
N ARG B 223 -11.16 13.22 -7.60
CA ARG B 223 -11.20 11.83 -8.03
C ARG B 223 -12.35 11.07 -7.38
N PHE B 224 -12.81 11.38 -6.17
CA PHE B 224 -13.78 10.55 -5.46
C PHE B 224 -15.05 10.41 -6.25
N LEU B 225 -15.55 11.48 -6.82
CA LEU B 225 -16.82 11.40 -7.57
C LEU B 225 -16.64 10.56 -8.78
N THR B 226 -15.46 10.56 -9.42
CA THR B 226 -15.21 9.73 -10.59
C THR B 226 -15.24 8.24 -10.21
N LEU B 227 -14.97 7.89 -8.95
CA LEU B 227 -15.01 6.53 -8.51
C LEU B 227 -16.42 6.14 -8.10
N THR B 228 -17.11 6.94 -7.35
CA THR B 228 -18.43 6.62 -6.84
C THR B 228 -19.50 6.71 -7.89
N GLY B 229 -19.35 7.66 -8.79
CA GLY B 229 -20.53 8.09 -9.60
C GLY B 229 -21.46 8.88 -8.72
N ASP B 230 -22.60 9.31 -9.32
CA ASP B 230 -23.68 9.80 -8.59
C ASP B 230 -24.51 8.71 -7.88
N SER B 231 -25.49 9.12 -7.13
CA SER B 231 -26.24 8.21 -6.27
C SER B 231 -26.99 7.11 -7.04
N SER B 232 -27.14 7.26 -8.35
CA SER B 232 -27.81 6.25 -9.15
C SER B 232 -26.89 5.27 -9.81
N ALA B 233 -25.57 5.47 -9.73
CA ALA B 233 -24.62 4.69 -10.47
C ALA B 233 -24.41 3.28 -9.81
N GLU B 234 -24.07 2.34 -10.67
CA GLU B 234 -23.82 0.98 -10.15
C GLU B 234 -22.55 0.91 -9.30
N THR B 235 -21.70 1.91 -9.42
CA THR B 235 -20.47 2.00 -8.62
C THR B 235 -20.78 2.68 -7.26
N PHE B 236 -21.94 3.28 -7.02
CA PHE B 236 -22.20 4.09 -5.84
C PHE B 236 -22.38 3.22 -4.62
N VAL B 237 -21.84 3.64 -3.49
CA VAL B 237 -21.84 3.00 -2.25
C VAL B 237 -22.62 3.90 -1.31
N THR B 238 -23.74 3.40 -0.77
CA THR B 238 -24.56 4.27 0.08
C THR B 238 -23.98 4.55 1.39
N GLU B 239 -24.52 5.55 2.12
CA GLU B 239 -24.04 5.80 3.46
C GLU B 239 -24.15 4.59 4.42
N THR B 240 -25.25 3.82 4.31
CA THR B 240 -25.45 2.66 5.21
C THR B 240 -24.37 1.59 4.80
N GLN B 241 -24.11 1.51 3.50
CA GLN B 241 -23.02 0.59 3.05
C GLN B 241 -21.64 1.06 3.55
N TRP B 242 -21.41 2.40 3.55
CA TRP B 242 -20.15 2.90 4.12
C TRP B 242 -20.07 2.58 5.58
N THR B 243 -21.16 2.59 6.32
CA THR B 243 -21.12 2.21 7.69
C THR B 243 -20.73 0.72 7.90
N ALA B 244 -21.36 -0.13 7.07
CA ALA B 244 -20.96 -1.54 7.06
C ALA B 244 -19.44 -1.74 6.76
N VAL B 245 -19.00 -0.96 5.79
CA VAL B 245 -17.60 -0.96 5.43
C VAL B 245 -16.76 -0.54 6.64
N HIS B 246 -17.17 0.56 7.30
CA HIS B 246 -16.53 1.02 8.48
C HIS B 246 -16.43 -0.03 9.58
N ASN B 247 -17.59 -0.68 9.84
CA ASN B 247 -17.61 -1.67 10.90
C ASN B 247 -16.68 -2.88 10.63
N GLU B 248 -16.61 -3.24 9.35
CA GLU B 248 -15.78 -4.37 8.92
C GLU B 248 -14.29 -3.95 9.01
N ILE B 249 -13.96 -2.69 8.64
CA ILE B 249 -12.61 -2.14 8.87
C ILE B 249 -12.25 -2.23 10.32
N ILE B 250 -13.14 -1.74 11.22
CA ILE B 250 -12.85 -1.84 12.63
C ILE B 250 -12.59 -3.32 13.00
N ARG B 251 -13.50 -4.23 12.58
CA ARG B 251 -13.29 -5.62 12.93
C ARG B 251 -11.89 -6.13 12.51
N GLN B 252 -11.50 -5.84 11.24
CA GLN B 252 -10.25 -6.33 10.73
C GLN B 252 -9.03 -5.64 11.35
N CYS B 253 -9.19 -4.39 11.74
CA CYS B 253 -8.05 -3.56 12.05
C CYS B 253 -7.91 -3.04 13.47
N ASP B 254 -8.97 -2.92 14.24
CA ASP B 254 -8.87 -2.36 15.63
C ASP B 254 -7.78 -3.03 16.45
N SER B 255 -7.74 -4.35 16.51
CA SER B 255 -6.89 -5.05 17.40
C SER B 255 -5.45 -5.14 17.00
N LEU B 256 -5.08 -4.61 15.79
CA LEU B 256 -3.69 -4.71 15.34
C LEU B 256 -2.71 -4.02 16.22
N ASP B 257 -3.18 -2.97 16.88
CA ASP B 257 -2.38 -2.15 17.81
C ASP B 257 -2.35 -2.81 19.21
N GLY B 258 -3.05 -3.95 19.38
CA GLY B 258 -3.09 -4.67 20.67
C GLY B 258 -4.25 -4.39 21.48
N ALA B 259 -4.93 -3.27 21.27
CA ALA B 259 -6.09 -2.86 22.07
C ALA B 259 -7.37 -2.99 21.26
N LYS B 260 -8.32 -3.78 21.73
CA LYS B 260 -9.69 -3.81 21.20
C LYS B 260 -10.55 -2.76 21.79
N ASP B 261 -10.39 -1.56 21.25
CA ASP B 261 -10.93 -0.33 21.81
C ASP B 261 -11.74 0.48 20.84
N GLY B 262 -11.99 -0.07 19.63
CA GLY B 262 -12.70 0.57 18.61
C GLY B 262 -11.92 1.64 17.76
N ILE B 263 -10.62 1.69 18.01
CA ILE B 263 -9.75 2.73 17.45
C ILE B 263 -8.63 2.00 16.64
N ILE B 264 -8.33 2.48 15.43
CA ILE B 264 -7.16 2.02 14.64
C ILE B 264 -6.00 2.93 15.00
N GLU B 265 -5.11 2.52 15.89
CA GLU B 265 -4.08 3.41 16.38
C GLU B 265 -3.19 3.95 15.24
N ASP B 266 -2.80 3.01 14.36
CA ASP B 266 -1.90 3.32 13.23
C ASP B 266 -2.50 2.65 12.01
N PRO B 267 -3.21 3.43 11.19
CA PRO B 267 -3.81 2.85 9.98
C PRO B 267 -2.89 2.29 8.97
N ASP B 268 -1.60 2.50 9.03
CA ASP B 268 -0.69 1.88 8.06
C ASP B 268 -0.79 0.37 8.09
N LEU B 269 -1.05 -0.19 9.27
CA LEU B 269 -1.17 -1.64 9.43
C LEU B 269 -2.43 -2.16 8.85
N CYS B 270 -3.41 -1.31 8.61
CA CYS B 270 -4.78 -1.67 8.15
C CYS B 270 -4.84 -1.64 6.63
N GLN B 271 -4.99 -2.81 6.05
CA GLN B 271 -5.03 -3.03 4.64
C GLN B 271 -6.27 -3.82 4.41
N PRO B 272 -7.43 -3.20 4.48
CA PRO B 272 -8.67 -3.97 4.63
C PRO B 272 -9.05 -4.74 3.38
N ILE B 273 -9.63 -5.90 3.65
CA ILE B 273 -10.17 -6.78 2.59
C ILE B 273 -11.68 -6.63 2.48
N ILE B 274 -12.08 -5.73 1.61
CA ILE B 274 -13.46 -5.31 1.58
C ILE B 274 -14.33 -6.39 0.96
N GLU B 275 -13.75 -7.35 0.29
CA GLU B 275 -14.46 -8.47 -0.32
C GLU B 275 -15.20 -9.30 0.74
N ALA B 276 -14.79 -9.17 2.02
CA ALA B 276 -15.54 -9.77 3.12
C ALA B 276 -17.00 -9.35 3.14
N LEU B 277 -17.31 -8.17 2.59
CA LEU B 277 -18.70 -7.64 2.55
C LEU B 277 -19.39 -7.95 1.29
N LEU B 278 -18.86 -8.73 0.34
CA LEU B 278 -19.70 -9.16 -0.79
C LEU B 278 -20.93 -9.98 -0.25
N CYS B 279 -22.06 -9.79 -0.90
CA CYS B 279 -23.29 -10.42 -0.49
C CYS B 279 -23.20 -11.88 -0.71
N ASN B 280 -23.74 -12.58 0.27
CA ASN B 280 -24.05 -14.01 0.14
C ASN B 280 -25.38 -14.21 -0.61
N ALA B 281 -25.71 -15.49 -0.93
CA ALA B 281 -26.81 -15.72 -1.86
C ALA B 281 -28.15 -15.28 -1.34
N THR B 282 -28.32 -15.29 -0.05
CA THR B 282 -29.63 -14.88 0.56
C THR B 282 -29.71 -13.40 0.86
N GLN B 283 -28.69 -12.62 0.45
CA GLN B 283 -28.61 -11.19 0.76
C GLN B 283 -28.62 -10.35 -0.49
N SER B 284 -29.07 -9.13 -0.34
CA SER B 284 -29.18 -8.15 -1.37
C SER B 284 -28.46 -6.89 -0.84
N SER B 285 -27.72 -6.29 -1.77
CA SER B 285 -26.97 -5.05 -1.44
C SER B 285 -27.95 -3.90 -1.08
N THR B 286 -29.22 -4.03 -1.56
CA THR B 286 -30.19 -2.98 -1.18
C THR B 286 -30.46 -2.91 0.28
N SER B 287 -30.08 -3.96 1.04
CA SER B 287 -30.24 -3.99 2.47
C SER B 287 -29.24 -3.08 3.20
N GLY B 288 -28.21 -2.66 2.45
CA GLY B 288 -27.12 -1.86 3.05
C GLY B 288 -26.04 -2.59 3.83
N THR B 289 -26.17 -3.88 3.93
CA THR B 289 -25.29 -4.67 4.80
C THR B 289 -24.17 -5.38 4.00
N CYS B 290 -24.28 -5.37 2.70
CA CYS B 290 -23.32 -6.00 1.79
C CYS B 290 -23.22 -5.26 0.51
N LEU B 291 -22.19 -5.52 -0.25
CA LEU B 291 -21.87 -4.82 -1.42
C LEU B 291 -21.78 -5.73 -2.64
N THR B 292 -22.03 -5.18 -3.82
CA THR B 292 -21.74 -5.81 -5.05
C THR B 292 -20.27 -5.77 -5.40
N GLY B 293 -19.80 -6.52 -6.37
CA GLY B 293 -18.42 -6.42 -6.84
C GLY B 293 -18.04 -5.08 -7.31
N ALA B 294 -18.94 -4.43 -8.03
CA ALA B 294 -18.62 -3.05 -8.48
C ALA B 294 -18.47 -2.10 -7.37
N GLN B 295 -19.29 -2.24 -6.34
CA GLN B 295 -19.24 -1.39 -5.16
C GLN B 295 -17.93 -1.66 -4.38
N VAL B 296 -17.56 -2.90 -4.21
CA VAL B 296 -16.30 -3.21 -3.61
C VAL B 296 -15.14 -2.58 -4.34
N LYS B 297 -15.12 -2.61 -5.65
CA LYS B 297 -14.11 -2.01 -6.44
C LYS B 297 -14.07 -0.47 -6.22
N THR B 298 -15.20 0.21 -6.05
CA THR B 298 -15.20 1.63 -5.63
C THR B 298 -14.48 1.81 -4.34
N VAL B 299 -14.83 1.05 -3.33
CA VAL B 299 -14.22 1.16 -2.05
C VAL B 299 -12.69 0.88 -2.12
N ASN B 300 -12.32 -0.11 -2.90
CA ASN B 300 -10.88 -0.41 -3.06
C ASN B 300 -10.15 0.80 -3.63
N GLY B 301 -10.79 1.47 -4.59
CA GLY B 301 -10.26 2.72 -5.19
C GLY B 301 -10.06 3.83 -4.17
N VAL B 302 -10.99 3.93 -3.27
CA VAL B 302 -10.85 4.88 -2.17
C VAL B 302 -9.58 4.55 -1.36
N PHE B 303 -9.36 3.30 -1.08
CA PHE B 303 -8.20 2.82 -0.37
C PHE B 303 -7.01 2.48 -1.18
N SER B 304 -6.89 3.13 -2.34
CA SER B 304 -5.70 3.00 -3.16
C SER B 304 -5.09 4.39 -3.40
N ALA B 305 -3.77 4.44 -3.52
CA ALA B 305 -3.07 5.59 -3.93
C ALA B 305 -3.49 6.01 -5.36
N THR B 306 -3.40 7.28 -5.67
CA THR B 306 -3.69 7.87 -6.96
C THR B 306 -2.35 8.09 -7.62
N TYR B 307 -2.24 7.59 -8.86
CA TYR B 307 -1.09 7.77 -9.76
C TYR B 307 -1.49 8.53 -11.02
N GLY B 308 -0.50 9.15 -11.62
CA GLY B 308 -0.77 10.07 -12.73
C GLY B 308 -0.30 9.51 -14.07
N LEU B 309 -0.11 10.41 -15.01
CA LEU B 309 0.69 10.05 -16.21
C LEU B 309 2.09 9.66 -15.90
N ASN B 310 2.56 8.73 -16.71
CA ASN B 310 3.81 8.17 -16.65
C ASN B 310 3.98 7.33 -15.41
N GLY B 311 2.85 7.09 -14.75
CA GLY B 311 2.82 6.27 -13.53
C GLY B 311 3.42 6.90 -12.26
N SER B 312 3.43 8.20 -12.19
CA SER B 312 3.95 8.95 -11.06
C SER B 312 2.95 9.00 -9.92
N PHE B 313 3.50 8.90 -8.74
CA PHE B 313 2.71 8.99 -7.47
C PHE B 313 2.10 10.39 -7.41
N LEU B 314 0.78 10.49 -7.22
CA LEU B 314 0.06 11.74 -7.13
C LEU B 314 -0.33 12.01 -5.65
N TYR B 315 -0.98 11.05 -5.02
CA TYR B 315 -1.55 11.27 -3.65
C TYR B 315 -1.75 9.92 -3.03
N PRO B 316 -1.55 9.78 -1.69
CA PRO B 316 -1.78 8.47 -1.08
C PRO B 316 -3.28 8.09 -1.01
N ARG B 317 -3.59 6.89 -0.62
CA ARG B 317 -4.91 6.47 -0.30
C ARG B 317 -5.53 7.30 0.82
N MET B 318 -6.84 7.30 0.91
CA MET B 318 -7.55 7.63 2.14
C MET B 318 -7.18 6.62 3.19
N GLN B 319 -6.77 7.05 4.38
CA GLN B 319 -6.46 6.04 5.44
C GLN B 319 -7.78 5.42 5.93
N PRO B 320 -7.79 4.09 6.11
CA PRO B 320 -8.98 3.46 6.68
C PRO B 320 -9.27 3.97 8.07
N GLY B 321 -10.58 4.09 8.35
CA GLY B 321 -11.08 4.50 9.66
C GLY B 321 -11.80 5.84 9.66
N SER B 322 -11.75 6.59 8.58
CA SER B 322 -12.38 7.91 8.49
C SER B 322 -13.73 7.87 7.81
N GLU B 323 -14.34 6.68 7.64
CA GLU B 323 -15.48 6.50 6.79
C GLU B 323 -16.74 7.29 7.14
N LEU B 324 -17.00 7.38 8.41
CA LEU B 324 -18.30 7.97 8.80
C LEU B 324 -18.41 9.40 8.31
N ALA B 325 -17.37 10.21 8.58
CA ALA B 325 -17.33 11.61 8.17
C ALA B 325 -16.92 11.73 6.71
N ALA B 326 -16.22 10.76 6.13
CA ALA B 326 -15.81 10.82 4.74
C ALA B 326 -16.98 10.64 3.78
N TYR B 327 -18.01 10.01 4.25
CA TYR B 327 -19.23 9.99 3.46
C TYR B 327 -19.67 11.42 3.15
N SER B 328 -19.67 12.31 4.17
CA SER B 328 -20.07 13.73 4.00
C SER B 328 -19.05 14.46 3.14
N SER B 329 -17.75 14.29 3.37
CA SER B 329 -16.83 15.06 2.59
C SER B 329 -16.68 14.68 1.20
N TYR B 330 -16.64 13.37 0.89
CA TYR B 330 -16.25 12.90 -0.41
C TYR B 330 -17.14 11.87 -1.12
N TYR B 331 -17.80 11.01 -0.38
CA TYR B 331 -18.39 9.82 -1.01
C TYR B 331 -19.84 9.94 -1.40
N SER B 332 -20.45 11.07 -1.16
CA SER B 332 -21.93 11.17 -1.32
C SER B 332 -22.45 11.29 -2.73
N GLY B 333 -21.63 11.35 -3.72
CA GLY B 333 -22.08 11.41 -5.09
C GLY B 333 -22.31 12.78 -5.59
N THR B 334 -21.64 13.78 -5.10
CA THR B 334 -21.79 15.18 -5.50
C THR B 334 -20.41 15.76 -5.72
N PRO B 335 -20.29 16.86 -6.50
CA PRO B 335 -19.02 17.48 -6.73
C PRO B 335 -18.38 18.01 -5.47
N PHE B 336 -17.05 17.84 -5.40
CA PHE B 336 -16.23 18.40 -4.31
C PHE B 336 -15.91 19.85 -4.61
N ALA B 337 -16.52 20.72 -3.84
CA ALA B 337 -16.44 22.15 -4.12
C ALA B 337 -15.05 22.71 -4.30
N TYR B 338 -14.17 22.37 -3.40
CA TYR B 338 -12.86 22.99 -3.48
C TYR B 338 -12.24 22.65 -4.81
N ALA B 339 -12.37 21.41 -5.26
CA ALA B 339 -11.74 21.03 -6.52
C ALA B 339 -12.40 21.65 -7.72
N GLU B 340 -13.73 21.64 -7.68
CA GLU B 340 -14.49 22.29 -8.69
C GLU B 340 -14.03 23.72 -8.86
N ASP B 341 -13.94 24.46 -7.78
CA ASP B 341 -13.51 25.84 -7.83
C ASP B 341 -12.08 26.01 -8.32
N TRP B 342 -11.15 25.17 -7.82
CA TRP B 342 -9.79 25.30 -8.21
C TRP B 342 -9.62 25.07 -9.69
N TYR B 343 -10.25 24.01 -10.21
CA TYR B 343 -10.12 23.74 -11.62
C TYR B 343 -10.83 24.78 -12.51
N ARG B 344 -12.00 25.23 -12.07
CA ARG B 344 -12.71 26.24 -12.88
C ARG B 344 -11.98 27.55 -12.93
N TYR B 345 -11.58 27.99 -11.75
CA TYR B 345 -11.13 29.40 -11.60
C TYR B 345 -9.65 29.63 -11.63
N VAL B 346 -8.85 28.56 -11.44
CA VAL B 346 -7.39 28.63 -11.55
C VAL B 346 -6.80 27.89 -12.68
N VAL B 347 -7.16 26.59 -12.81
CA VAL B 347 -6.56 25.68 -13.81
C VAL B 347 -7.01 26.04 -15.23
N PHE B 348 -8.30 26.06 -15.41
CA PHE B 348 -8.93 26.07 -16.76
C PHE B 348 -9.58 27.40 -17.12
N ASN B 349 -9.86 28.26 -16.17
CA ASN B 349 -10.52 29.57 -16.47
C ASN B 349 -11.79 29.34 -17.23
N ASN B 350 -12.56 28.37 -16.78
CA ASN B 350 -13.78 27.91 -17.43
C ASN B 350 -14.78 27.67 -16.37
N THR B 351 -15.72 28.59 -16.26
CA THR B 351 -16.68 28.61 -15.17
C THR B 351 -17.74 27.49 -15.18
N ASN B 352 -17.83 26.84 -16.34
CA ASN B 352 -18.77 25.77 -16.55
C ASN B 352 -18.16 24.39 -16.51
N TRP B 353 -16.87 24.27 -16.15
CA TRP B 353 -16.16 22.96 -16.33
C TRP B 353 -16.72 22.02 -15.32
N ASP B 354 -16.99 20.79 -15.77
CA ASP B 354 -17.66 19.75 -14.99
C ASP B 354 -16.60 18.86 -14.33
N VAL B 355 -16.50 19.10 -13.01
CA VAL B 355 -15.50 18.33 -12.20
C VAL B 355 -15.70 16.81 -12.35
N ALA B 356 -16.90 16.32 -12.69
CA ALA B 356 -17.07 14.90 -12.87
C ALA B 356 -16.24 14.34 -13.98
N THR B 357 -15.81 15.19 -14.91
CA THR B 357 -14.97 14.76 -15.99
C THR B 357 -13.51 14.73 -15.69
N TRP B 358 -13.15 14.89 -14.40
CA TRP B 358 -11.72 14.90 -14.03
C TRP B 358 -10.96 13.66 -14.47
N THR B 359 -9.73 13.88 -14.94
CA THR B 359 -8.83 12.86 -15.33
C THR B 359 -7.44 13.16 -14.86
N VAL B 360 -6.56 12.18 -14.88
CA VAL B 360 -5.18 12.39 -14.57
C VAL B 360 -4.49 13.36 -15.54
N GLN B 361 -4.95 13.44 -16.75
CA GLN B 361 -4.49 14.50 -17.67
C GLN B 361 -4.74 15.89 -17.11
N ASP B 362 -5.92 16.09 -16.59
CA ASP B 362 -6.27 17.36 -15.89
C ASP B 362 -5.30 17.60 -14.75
N ALA B 363 -5.01 16.55 -13.96
CA ALA B 363 -4.14 16.73 -12.82
C ALA B 363 -2.74 17.13 -13.24
N ALA B 364 -2.26 16.57 -14.37
CA ALA B 364 -0.97 16.89 -14.87
C ALA B 364 -0.89 18.39 -15.29
N ILE B 365 -1.93 18.88 -15.92
CA ILE B 365 -2.04 20.34 -16.26
C ILE B 365 -1.97 21.15 -14.96
N ALA B 366 -2.75 20.74 -13.96
CA ALA B 366 -2.73 21.52 -12.70
C ALA B 366 -1.42 21.50 -12.00
N ASN B 367 -0.72 20.36 -12.01
CA ASN B 367 0.58 20.23 -11.43
C ASN B 367 1.64 21.11 -12.12
N ALA B 368 1.59 21.13 -13.46
CA ALA B 368 2.54 21.94 -14.22
C ALA B 368 2.40 23.39 -13.88
N GLN B 369 1.16 23.80 -13.59
CA GLN B 369 0.83 25.18 -13.31
C GLN B 369 1.38 25.56 -11.93
N ASP B 370 1.15 24.71 -10.92
CA ASP B 370 1.55 24.96 -9.49
C ASP B 370 1.74 26.43 -9.12
N PRO B 371 0.62 27.14 -9.04
CA PRO B 371 0.79 28.61 -8.87
C PRO B 371 1.51 28.99 -7.60
N TYR B 372 2.63 29.70 -7.71
CA TYR B 372 3.36 30.20 -6.59
C TYR B 372 3.86 29.09 -5.67
N GLN B 373 4.06 27.90 -6.24
CA GLN B 373 4.52 26.71 -5.52
C GLN B 373 3.58 26.47 -4.32
N ILE B 374 2.29 26.64 -4.54
CA ILE B 374 1.31 26.30 -3.50
C ILE B 374 1.37 24.79 -3.16
N SER B 375 1.90 23.99 -4.07
CA SER B 375 2.24 22.57 -3.70
C SER B 375 2.78 22.47 -2.28
N THR B 376 3.68 23.33 -1.89
CA THR B 376 4.26 23.38 -0.53
C THR B 376 4.89 22.05 -0.17
N TRP B 377 5.75 21.55 -1.09
CA TRP B 377 6.33 20.18 -0.94
C TRP B 377 7.82 20.19 -0.83
N ASN B 378 8.43 21.36 -0.61
CA ASN B 378 9.91 21.42 -0.50
C ASN B 378 10.33 20.57 0.71
N GLY B 379 11.18 19.56 0.48
CA GLY B 379 11.71 18.79 1.55
C GLY B 379 13.02 19.23 2.16
N ASP B 380 13.63 20.28 1.59
CA ASP B 380 14.88 20.83 2.14
C ASP B 380 14.57 21.98 3.12
N LEU B 381 14.64 21.63 4.39
CA LEU B 381 14.37 22.54 5.50
C LEU B 381 15.62 23.19 6.07
N SER B 382 16.75 23.07 5.38
CA SER B 382 17.97 23.59 5.95
C SER B 382 17.94 25.02 6.42
N PRO B 383 17.37 25.95 5.64
CA PRO B 383 17.38 27.37 6.17
C PRO B 383 16.69 27.49 7.52
N PHE B 384 15.50 26.85 7.64
CA PHE B 384 14.84 26.93 8.90
C PHE B 384 15.58 26.27 10.00
N GLN B 385 16.15 25.06 9.76
CA GLN B 385 16.99 24.37 10.73
C GLN B 385 18.12 25.30 11.24
N LYS B 386 18.78 25.88 10.26
CA LYS B 386 20.04 26.57 10.64
C LYS B 386 19.74 27.84 11.36
N LYS B 387 18.57 28.40 11.16
CA LYS B 387 18.18 29.59 11.97
C LYS B 387 17.57 29.29 13.28
N GLY B 388 17.55 28.00 13.66
CA GLY B 388 17.14 27.62 14.97
C GLY B 388 15.63 27.40 15.07
N GLY B 389 14.94 27.32 13.92
CA GLY B 389 13.49 27.11 14.01
C GLY B 389 13.10 25.70 14.43
N LYS B 390 11.92 25.61 15.07
CA LYS B 390 11.31 24.33 15.49
C LYS B 390 9.95 24.22 14.95
N VAL B 391 9.65 22.99 14.49
CA VAL B 391 8.32 22.72 13.96
C VAL B 391 7.76 21.38 14.49
N LEU B 392 6.50 21.48 15.02
CA LEU B 392 5.82 20.35 15.59
C LEU B 392 4.61 20.16 14.61
N HIS B 393 4.57 18.99 13.99
CA HIS B 393 3.60 18.61 12.98
C HIS B 393 2.78 17.48 13.56
N TYR B 394 1.45 17.56 13.37
CA TYR B 394 0.54 16.46 13.80
C TYR B 394 -0.49 16.21 12.70
N HIS B 395 -1.12 15.05 12.80
CA HIS B 395 -2.22 14.73 11.89
C HIS B 395 -3.05 13.65 12.57
N GLY B 396 -4.37 13.76 12.43
CA GLY B 396 -5.28 12.76 12.99
C GLY B 396 -5.45 11.57 12.13
N MET B 397 -5.54 10.42 12.76
CA MET B 397 -5.67 9.14 12.05
C MET B 397 -7.04 8.83 11.50
N GLU B 398 -8.02 9.61 11.87
CA GLU B 398 -9.38 9.48 11.33
C GLU B 398 -9.80 10.63 10.47
N ASP B 399 -8.84 11.26 9.84
CA ASP B 399 -9.08 12.42 9.03
C ASP B 399 -9.81 12.08 7.72
N ALA B 400 -11.01 12.65 7.59
CA ALA B 400 -11.86 12.42 6.46
C ALA B 400 -11.70 13.45 5.35
N ILE B 401 -10.83 14.46 5.51
CA ILE B 401 -10.65 15.57 4.57
C ILE B 401 -9.29 15.55 3.90
N ILE B 402 -8.23 15.33 4.68
CA ILE B 402 -6.86 15.22 4.20
C ILE B 402 -6.25 13.94 4.79
N SER B 403 -5.95 12.99 3.93
CA SER B 403 -5.44 11.72 4.41
C SER B 403 -4.19 11.91 5.24
N SER B 404 -4.13 11.28 6.43
CA SER B 404 -2.94 11.34 7.24
C SER B 404 -1.73 10.80 6.61
N GLU B 405 -1.89 9.88 5.64
CA GLU B 405 -0.75 9.30 4.93
C GLU B 405 0.06 10.41 4.26
N SER B 406 -0.59 11.47 3.80
CA SER B 406 0.14 12.58 3.16
C SER B 406 1.26 13.15 4.07
N SER B 407 0.94 13.28 5.35
CA SER B 407 1.91 13.78 6.32
C SER B 407 3.02 12.79 6.51
N LYS B 408 2.76 11.48 6.57
CA LYS B 408 3.85 10.50 6.68
C LYS B 408 4.73 10.47 5.45
N VAL B 409 4.15 10.57 4.26
CA VAL B 409 4.96 10.64 3.06
C VAL B 409 5.77 11.92 3.09
N TYR B 410 5.21 13.03 3.57
CA TYR B 410 6.02 14.25 3.68
C TYR B 410 7.20 14.08 4.61
N TYR B 411 6.98 13.45 5.80
CA TYR B 411 8.10 13.26 6.71
C TYR B 411 9.19 12.48 6.08
N LYS B 412 8.89 11.40 5.40
CA LYS B 412 9.90 10.61 4.69
C LYS B 412 10.60 11.43 3.65
N HIS B 413 9.86 12.28 2.96
CA HIS B 413 10.43 13.16 1.94
C HIS B 413 11.48 14.13 2.52
N VAL B 414 11.21 14.67 3.66
CA VAL B 414 12.18 15.56 4.33
C VAL B 414 13.37 14.76 4.69
N ALA B 415 13.25 13.63 5.36
CA ALA B 415 14.35 12.83 5.78
C ALA B 415 15.23 12.50 4.55
N ASP B 416 14.65 12.01 3.48
CA ASP B 416 15.40 11.52 2.36
C ASP B 416 15.99 12.65 1.54
N THR B 417 15.34 13.81 1.49
CA THR B 417 15.83 14.99 0.77
C THR B 417 16.99 15.61 1.55
N MET B 418 16.89 15.72 2.83
CA MET B 418 17.95 16.34 3.61
C MET B 418 19.02 15.33 3.92
N ASN B 419 18.86 14.02 3.68
CA ASN B 419 19.76 13.03 4.23
C ASN B 419 19.98 13.13 5.70
N LEU B 420 18.91 13.31 6.43
CA LEU B 420 18.90 13.34 7.88
C LEU B 420 18.07 12.29 8.45
N SER B 421 18.63 11.53 9.37
CA SER B 421 17.89 10.49 10.05
C SER B 421 16.78 11.07 10.92
N PRO B 422 15.85 10.22 11.40
CA PRO B 422 14.82 10.72 12.30
C PRO B 422 15.41 11.36 13.52
N SER B 423 16.44 10.74 14.08
CA SER B 423 16.97 11.30 15.32
C SER B 423 17.72 12.61 15.07
N GLU B 424 18.28 12.82 13.89
CA GLU B 424 18.77 14.12 13.47
C GLU B 424 17.69 15.12 13.24
N LEU B 425 16.61 14.75 12.54
CA LEU B 425 15.47 15.65 12.34
C LEU B 425 14.87 16.10 13.65
N ASP B 426 14.89 15.25 14.70
CA ASP B 426 14.31 15.55 15.98
C ASP B 426 14.89 16.88 16.54
N SER B 427 16.09 17.31 16.10
CA SER B 427 16.63 18.59 16.67
C SER B 427 15.73 19.74 16.34
N PHE B 428 14.89 19.65 15.26
CA PHE B 428 14.16 20.82 14.80
C PHE B 428 12.74 20.48 14.28
N TYR B 429 12.48 19.20 13.95
CA TYR B 429 11.20 18.83 13.28
C TYR B 429 10.74 17.52 13.88
N ARG B 430 9.62 17.56 14.61
CA ARG B 430 9.03 16.36 15.15
C ARG B 430 7.56 16.25 14.72
N PHE B 431 7.19 14.99 14.40
CA PHE B 431 5.89 14.68 13.80
C PHE B 431 5.20 13.65 14.66
N PHE B 432 3.93 13.91 14.92
CA PHE B 432 3.08 13.06 15.82
C PHE B 432 1.73 12.78 15.19
N PRO B 433 1.66 11.56 14.57
CA PRO B 433 0.34 10.96 14.29
C PRO B 433 -0.55 10.91 15.55
N ILE B 434 -1.79 11.33 15.45
CA ILE B 434 -2.70 11.31 16.65
C ILE B 434 -3.82 10.32 16.40
N SER B 435 -3.86 9.27 17.17
CA SER B 435 -5.00 8.34 17.07
C SER B 435 -6.30 8.99 17.52
N GLY B 436 -7.40 8.50 16.98
CA GLY B 436 -8.68 8.92 17.53
C GLY B 436 -9.09 10.31 17.27
N MET B 437 -8.47 10.95 16.30
CA MET B 437 -8.58 12.39 15.98
C MET B 437 -9.11 12.53 14.57
N ALA B 438 -10.06 13.47 14.38
CA ALA B 438 -10.58 13.82 13.08
C ALA B 438 -9.78 14.88 12.40
N HIS B 439 -10.35 15.56 11.45
CA HIS B 439 -9.69 16.67 10.79
C HIS B 439 -9.66 17.94 11.67
N CYS B 440 -8.54 18.25 12.32
CA CYS B 440 -8.41 19.46 13.12
C CYS B 440 -9.47 19.55 14.23
N ALA B 441 -9.84 18.38 14.77
CA ALA B 441 -10.98 18.30 15.69
C ALA B 441 -10.90 16.91 16.34
N ASN B 442 -11.62 16.77 17.47
CA ASN B 442 -11.72 15.48 18.12
C ASN B 442 -12.55 14.50 17.27
N ALA B 443 -12.13 13.21 17.34
CA ALA B 443 -13.03 12.14 16.94
C ALA B 443 -13.48 11.42 18.22
N ASP B 444 -13.28 10.07 18.20
CA ASP B 444 -13.75 9.22 19.31
C ASP B 444 -12.71 8.70 20.26
N GLY B 445 -11.42 9.12 20.10
CA GLY B 445 -10.38 8.72 20.92
C GLY B 445 -9.61 9.83 21.63
N PRO B 446 -8.34 9.62 21.99
CA PRO B 446 -7.61 10.58 22.91
C PRO B 446 -6.99 11.72 22.05
N SER B 447 -7.84 12.49 21.43
CA SER B 447 -7.52 13.44 20.36
C SER B 447 -7.27 14.88 20.89
N ALA B 448 -7.61 15.19 22.15
CA ALA B 448 -7.61 16.59 22.61
C ALA B 448 -6.21 16.92 23.07
N ILE B 449 -5.44 17.50 22.14
CA ILE B 449 -4.00 17.74 22.23
C ILE B 449 -3.63 19.27 22.38
N GLY B 450 -4.62 20.07 22.53
CA GLY B 450 -4.36 21.51 22.72
C GLY B 450 -3.90 22.28 21.52
N GLN B 451 -4.40 21.92 20.36
CA GLN B 451 -4.17 22.71 19.13
C GLN B 451 -5.15 23.80 18.89
N GLY B 452 -6.02 24.01 19.85
CA GLY B 452 -7.04 24.99 19.78
C GLY B 452 -8.08 24.80 20.90
N THR B 453 -8.99 25.78 21.01
CA THR B 453 -10.02 25.68 22.08
C THR B 453 -10.78 24.37 21.98
N GLY B 454 -11.07 23.96 20.77
CA GLY B 454 -11.86 22.68 20.55
C GLY B 454 -11.14 21.44 20.95
N THR B 455 -9.84 21.51 21.07
CA THR B 455 -9.04 20.37 21.53
C THR B 455 -8.26 20.52 22.83
N PHE B 456 -8.65 21.58 23.59
CA PHE B 456 -8.05 21.86 24.83
C PHE B 456 -8.29 20.80 25.94
N ALA B 457 -7.25 20.44 26.61
CA ALA B 457 -7.37 19.52 27.74
C ALA B 457 -6.34 19.74 28.79
N GLY B 458 -6.00 21.04 28.98
CA GLY B 458 -5.06 21.41 29.96
C GLY B 458 -3.85 22.22 29.53
N ASN B 459 -3.13 22.79 30.49
CA ASN B 459 -1.95 23.59 30.22
C ASN B 459 -0.61 23.01 30.53
N ASN B 460 -0.45 21.72 30.96
CA ASN B 460 0.88 21.17 30.96
C ASN B 460 1.38 21.11 29.51
N PRO B 461 2.66 21.39 29.33
CA PRO B 461 3.17 21.40 27.98
C PRO B 461 2.93 20.06 27.28
N GLN B 462 3.02 18.93 27.96
CA GLN B 462 2.84 17.64 27.33
C GLN B 462 1.44 17.43 26.79
N ASP B 463 0.44 18.18 27.28
CA ASP B 463 -0.94 18.13 26.94
C ASP B 463 -1.46 19.22 26.00
N ASN B 464 -0.54 20.15 25.69
CA ASN B 464 -0.93 21.32 24.91
C ASN B 464 0.15 21.65 23.93
N VAL B 465 -0.07 21.34 22.64
CA VAL B 465 1.01 21.46 21.66
C VAL B 465 1.48 22.91 21.51
N LEU B 466 0.64 23.90 21.68
CA LEU B 466 1.09 25.32 21.63
C LEU B 466 2.09 25.57 22.73
N LEU B 467 1.73 25.17 23.93
CA LEU B 467 2.72 25.37 25.03
C LEU B 467 3.89 24.45 25.00
N ALA B 468 3.81 23.24 24.41
CA ALA B 468 4.97 22.51 24.14
C ALA B 468 5.95 23.16 23.23
N MET B 469 5.44 23.86 22.21
CA MET B 469 6.31 24.56 21.29
C MET B 469 6.99 25.75 22.05
N VAL B 470 6.22 26.48 22.86
CA VAL B 470 6.95 27.56 23.64
C VAL B 470 8.05 26.92 24.46
N GLN B 471 7.84 25.78 25.13
CA GLN B 471 8.87 25.14 25.91
C GLN B 471 10.08 24.72 25.08
N TRP B 472 9.83 24.20 23.89
CA TRP B 472 10.91 23.76 23.03
C TRP B 472 11.78 24.89 22.57
N VAL B 473 11.13 25.95 22.09
CA VAL B 473 11.82 27.14 21.60
C VAL B 473 12.65 27.81 22.78
N GLU B 474 11.94 28.01 23.87
CA GLU B 474 12.53 28.94 24.92
C GLU B 474 13.33 28.20 25.95
N GLU B 475 13.03 26.97 26.27
CA GLU B 475 13.78 26.20 27.23
C GLU B 475 14.55 25.00 26.68
N GLY B 476 14.43 24.69 25.35
CA GLY B 476 15.10 23.59 24.73
C GLY B 476 14.50 22.21 25.07
N VAL B 477 13.36 22.14 25.72
CA VAL B 477 12.84 20.84 26.10
C VAL B 477 11.83 20.42 25.01
N ALA B 478 12.27 19.40 24.31
CA ALA B 478 11.61 18.94 23.03
C ALA B 478 10.55 17.95 23.42
N PRO B 479 9.44 17.94 22.63
CA PRO B 479 8.40 16.98 22.89
C PRO B 479 8.79 15.61 22.45
N ASP B 480 8.84 14.65 23.41
CA ASP B 480 9.01 13.26 23.10
C ASP B 480 7.78 12.56 22.70
N PHE B 481 6.67 13.11 23.03
CA PHE B 481 5.34 12.61 22.72
C PHE B 481 4.39 13.78 22.72
N VAL B 482 3.19 13.66 22.23
CA VAL B 482 2.10 14.60 22.36
C VAL B 482 0.96 13.92 23.05
N ARG B 483 0.62 14.31 24.29
CA ARG B 483 -0.41 13.60 25.02
C ARG B 483 -1.73 14.20 24.63
N GLY B 484 -2.73 13.36 24.38
CA GLY B 484 -4.07 13.76 24.08
C GLY B 484 -5.12 13.11 25.04
N ALA B 485 -6.24 13.81 25.25
CA ALA B 485 -7.32 13.31 26.11
C ALA B 485 -8.49 12.94 25.27
N LYS B 486 -9.25 11.93 25.76
CA LYS B 486 -10.53 11.60 25.30
C LYS B 486 -11.54 12.26 26.29
N LEU B 487 -12.25 13.19 25.72
CA LEU B 487 -13.13 14.07 26.54
C LEU B 487 -14.57 13.55 26.43
N ASN B 488 -15.27 13.73 27.52
CA ASN B 488 -16.72 13.61 27.48
C ASN B 488 -17.21 14.98 27.93
N GLY B 489 -17.76 15.73 26.97
CA GLY B 489 -17.90 17.18 27.09
C GLY B 489 -16.62 17.70 27.68
N SER B 490 -16.63 17.92 28.99
CA SER B 490 -15.58 18.63 29.64
C SER B 490 -14.74 17.71 30.52
N THR B 491 -15.18 16.48 30.69
CA THR B 491 -14.47 15.60 31.57
C THR B 491 -13.43 14.71 30.77
N VAL B 492 -12.23 14.59 31.31
CA VAL B 492 -11.15 13.68 30.82
C VAL B 492 -11.48 12.25 31.19
N GLU B 493 -11.87 11.45 30.21
CA GLU B 493 -12.06 10.00 30.47
C GLU B 493 -10.72 9.27 30.63
N TYR B 494 -9.75 9.53 29.69
CA TYR B 494 -8.46 8.98 29.73
C TYR B 494 -7.51 9.82 28.81
N ARG B 495 -6.23 9.50 28.84
CA ARG B 495 -5.26 10.15 27.98
C ARG B 495 -4.41 9.08 27.38
N ARG B 496 -3.73 9.43 26.28
CA ARG B 496 -2.74 8.60 25.63
C ARG B 496 -1.57 9.47 25.14
N LYS B 497 -0.36 8.99 25.28
CA LYS B 497 0.86 9.64 24.76
C LYS B 497 1.02 9.20 23.30
N HIS B 498 0.83 10.10 22.38
CA HIS B 498 1.08 9.78 20.94
C HIS B 498 2.57 9.85 20.65
N CYS B 499 3.07 8.80 20.08
CA CYS B 499 4.47 8.60 19.79
C CYS B 499 4.99 9.60 18.77
N LYS B 500 6.28 9.82 18.96
CA LYS B 500 7.12 10.53 17.99
C LYS B 500 7.40 9.60 16.81
N TYR B 501 6.91 10.02 15.63
CA TYR B 501 7.18 9.29 14.40
C TYR B 501 8.66 9.19 14.18
N PRO B 502 9.19 8.06 13.70
CA PRO B 502 8.46 6.85 13.19
C PRO B 502 8.02 5.83 14.16
N LYS B 503 8.18 6.01 15.49
CA LYS B 503 7.77 4.96 16.39
C LYS B 503 6.28 4.76 16.37
N ARG B 504 5.90 3.49 16.58
CA ARG B 504 4.54 3.05 16.55
C ARG B 504 4.03 2.83 18.00
N ASN B 505 2.79 3.18 18.29
CA ASN B 505 2.25 2.94 19.61
C ASN B 505 1.58 1.60 19.72
N ARG B 506 2.03 0.77 20.62
CA ARG B 506 1.44 -0.50 20.75
C ARG B 506 0.95 -0.72 22.20
N TYR B 507 -0.19 -1.39 22.36
CA TYR B 507 -0.74 -1.71 23.67
C TYR B 507 -0.11 -2.98 24.20
N VAL B 508 0.54 -2.93 25.35
CA VAL B 508 1.26 -4.07 25.90
C VAL B 508 0.75 -4.43 27.29
N GLY B 509 -0.02 -3.64 27.95
CA GLY B 509 -0.44 -3.95 29.36
C GLY B 509 0.65 -3.66 30.30
N PRO B 510 0.50 -4.19 31.54
CA PRO B 510 -0.60 -5.06 31.96
C PRO B 510 -1.90 -4.37 32.28
N GLY B 511 -1.87 -3.06 32.43
CA GLY B 511 -3.07 -2.28 32.66
C GLY B 511 -3.99 -2.16 31.50
N SER B 512 -5.15 -1.59 31.75
CA SER B 512 -6.17 -1.34 30.73
C SER B 512 -5.67 -0.44 29.58
N TYR B 513 -6.36 -0.48 28.42
CA TYR B 513 -5.86 0.41 27.38
C TYR B 513 -6.09 1.87 27.70
N THR B 514 -6.94 2.17 28.71
CA THR B 514 -7.09 3.55 29.20
C THR B 514 -5.90 4.00 30.04
N ASP B 515 -5.06 3.09 30.46
CA ASP B 515 -3.81 3.42 31.24
C ASP B 515 -2.78 3.86 30.20
N GLU B 516 -2.42 5.14 30.17
CA GLU B 516 -1.37 5.59 29.26
C GLU B 516 -0.07 4.86 29.35
N ASN B 517 0.29 4.28 30.51
CA ASN B 517 1.48 3.56 30.67
C ASN B 517 1.47 2.09 30.31
N ALA B 518 0.29 1.65 29.82
CA ALA B 518 0.12 0.30 29.23
C ALA B 518 0.42 0.27 27.71
N TRP B 519 0.88 1.41 27.23
CA TRP B 519 1.27 1.61 25.81
C TRP B 519 2.76 1.84 25.72
N GLU B 520 3.37 1.39 24.67
CA GLU B 520 4.75 1.64 24.43
C GLU B 520 5.02 2.06 23.00
N CYS B 521 5.90 3.02 22.79
CA CYS B 521 6.32 3.48 21.45
C CYS B 521 7.55 2.69 21.02
N VAL B 522 7.42 1.96 19.91
CA VAL B 522 8.46 1.08 19.44
C VAL B 522 8.91 1.33 18.01
C1 NAG C . -3.52 -45.52 -37.10
C2 NAG C . -4.06 -46.86 -37.68
C3 NAG C . -4.57 -46.62 -39.12
C4 NAG C . -5.53 -45.45 -39.16
C5 NAG C . -5.06 -44.19 -38.46
C6 NAG C . -6.21 -43.15 -38.35
C7 NAG C . -3.17 -49.15 -37.33
C8 NAG C . -1.95 -50.07 -37.48
N2 NAG C . -3.00 -47.88 -37.76
O3 NAG C . -5.25 -47.78 -39.63
O4 NAG C . -5.77 -45.14 -40.51
O5 NAG C . -4.62 -44.56 -37.13
O6 NAG C . -7.25 -43.54 -37.43
O7 NAG C . -4.23 -49.53 -36.82
C1 NAG D . 11.26 -32.51 -29.64
C2 NAG D . 12.48 -32.74 -30.53
C3 NAG D . 13.60 -31.83 -30.05
C4 NAG D . 13.17 -30.41 -30.01
C5 NAG D . 11.90 -30.35 -29.15
C6 NAG D . 11.33 -28.94 -29.03
C7 NAG D . 13.40 -34.64 -29.26
C8 NAG D . 13.91 -36.04 -29.30
N2 NAG D . 12.94 -34.11 -30.46
O3 NAG D . 14.66 -31.90 -31.06
O4 NAG D . 14.15 -29.53 -29.51
O5 NAG D . 10.86 -31.17 -29.61
O6 NAG D . 10.31 -28.81 -28.04
O7 NAG D . 13.48 -34.28 -28.04
C1 NAG E . -0.74 -4.41 -16.68
C2 NAG E . -2.07 -4.30 -15.99
C3 NAG E . -3.01 -3.56 -16.90
C4 NAG E . -2.48 -2.17 -17.26
C5 NAG E . -1.00 -2.20 -17.70
C6 NAG E . -0.31 -0.86 -18.08
C7 NAG E . -2.96 -6.15 -14.58
C8 NAG E . -3.64 -7.46 -14.61
N2 NAG E . -2.73 -5.62 -15.79
O3 NAG E . -4.28 -3.42 -16.25
O4 NAG E . -3.27 -1.66 -18.38
O5 NAG E . -0.23 -3.01 -16.78
O6 NAG E . -0.30 -0.57 -19.55
O7 NAG E . -2.60 -5.61 -13.51
C1 NAG F . 20.80 6.61 15.01
C2 NAG F . 20.61 5.11 14.96
C3 NAG F . 19.34 4.62 15.62
C4 NAG F . 19.32 5.10 17.07
C5 NAG F . 19.45 6.63 17.01
C6 NAG F . 19.28 7.31 18.38
C7 NAG F . 21.43 3.92 12.92
C8 NAG F . 21.30 3.65 11.46
N2 NAG F . 20.62 4.81 13.50
O3 NAG F . 19.19 3.20 15.54
O4 NAG F . 18.15 4.69 17.66
O5 NAG F . 20.70 6.99 16.43
O6 NAG F . 20.43 6.86 18.95
O7 NAG F . 22.23 3.19 13.60
C1 NAG G . 11.01 -9.77 -36.63
C2 NAG G . 9.63 -10.15 -37.18
C3 NAG G . 9.76 -10.80 -38.54
C4 NAG G . 10.61 -9.90 -39.38
C5 NAG G . 11.96 -9.65 -38.72
C6 NAG G . 12.84 -8.74 -39.55
C7 NAG G . 9.08 -12.14 -35.82
C8 NAG G . 10.12 -12.75 -36.31
N2 NAG G . 8.81 -10.89 -36.21
O3 NAG G . 8.41 -10.89 -39.07
O4 NAG G . 10.83 -10.54 -40.66
O5 NAG G . 11.68 -8.94 -37.51
O6 NAG G . 14.13 -8.81 -38.91
O7 NAG G . 8.24 -12.73 -34.84
CA CA H . 5.88 -13.07 13.81
C1 NAG I . -10.54 44.35 2.52
C2 NAG I . -11.75 45.16 2.05
C3 NAG I . -12.80 44.25 1.46
C4 NAG I . -12.22 43.21 0.49
C5 NAG I . -11.09 42.50 1.16
C6 NAG I . -10.50 41.36 0.25
C7 NAG I . -12.86 45.73 4.31
C8 NAG I . -13.01 44.39 4.80
N2 NAG I . -12.30 46.01 3.12
O3 NAG I . -13.73 45.07 0.76
O4 NAG I . -13.30 42.29 0.35
O5 NAG I . -10.07 43.42 1.57
O6 NAG I . -9.47 40.67 1.00
O7 NAG I . -13.31 46.59 5.15
C1 NAG J . 1.69 15.40 -8.08
C2 NAG J . 3.01 14.85 -7.61
C3 NAG J . 4.03 14.96 -8.75
C4 NAG J . 3.52 14.25 -10.00
C5 NAG J . 2.06 14.62 -10.28
C6 NAG J . 1.41 13.69 -11.34
C7 NAG J . 3.64 15.22 -5.24
C8 NAG J . 4.24 16.16 -4.29
N2 NAG J . 3.56 15.69 -6.52
O3 NAG J . 5.25 14.37 -8.29
O4 NAG J . 4.27 14.70 -11.19
O5 NAG J . 1.27 14.47 -9.10
O6 NAG J . 0.33 14.44 -11.94
O7 NAG J . 3.15 14.09 -4.88
C1 NAG K . -21.53 -14.61 4.37
C2 NAG K . -21.47 -13.43 5.36
C3 NAG K . -20.30 -13.65 6.25
C4 NAG K . -20.49 -15.00 6.90
C5 NAG K . -20.55 -16.10 5.86
C6 NAG K . -20.63 -17.56 6.30
C7 NAG K . -22.11 -11.10 4.81
C8 NAG K . -21.85 -9.91 3.96
N2 NAG K . -21.36 -12.17 4.62
O3 NAG K . -20.22 -12.60 7.21
O4 NAG K . -19.35 -15.28 7.72
O5 NAG K . -21.66 -15.78 5.15
O6 NAG K . -21.72 -17.57 7.06
O7 NAG K . -22.89 -11.06 5.76
CA CA L . -7.24 -0.49 18.71
#